data_5M7Z
#
_entry.id   5M7Z
#
_cell.length_a   38.140
_cell.length_b   38.140
_cell.length_c   147.180
_cell.angle_alpha   88.28
_cell.angle_beta   84.07
_cell.angle_gamma   76.64
#
_symmetry.space_group_name_H-M   'P 1'
#
loop_
_entity.id
_entity.type
_entity.pdbx_description
1 polymer 'Eukaryotic translation initiation factor 4E'
2 non-polymer GLYCEROL
3 non-polymer '[[[(2~{R},3~{R},4~{R},5~{R})-5-(2-azanyl-7-methyl-6-oxidanyl-purin-7-ium-9-yl)-4-methoxy-3-oxidanyl-oxolan-2-yl]methoxy-oxidanyl-phosphoryl]oxy-selanyl-phosphoryl] [(2~{R},3~{S},4~{R})-5-(2-azanyl-6-oxidanylidene-1~{H}-purin-9-yl)-3,4-bis(oxidanyl)oxolan-2-yl]methyl hydrogen phosphate'
4 non-polymer 'CHLORIDE ION'
5 water water
#
_entity_poly.entity_id   1
_entity_poly.type   'polypeptide(L)'
_entity_poly.pdbx_seq_one_letter_code
;VANPEHYIKHPLQNRWALWFFKNDKSKTWQANLRLISKFDTVEDFWALYNHIQLSSNLMPGCDYSLFKDGIEPMWEDEKN
KRGGRWLITLNKQQRRSDLDRFWLETLLCLIGESFDDYSDDVCGAVVNVRAKGDKIAIWTTECENRDAVTHIGRVYKERL
GLPPKIVIGYQSHADTATKSGSTTKNRFVV
;
_entity_poly.pdbx_strand_id   A,B,C,D
#
loop_
_chem_comp.id
_chem_comp.type
_chem_comp.name
_chem_comp.formula
7LO non-polymer '[[[(2~{R},3~{R},4~{R},5~{R})-5-(2-azanyl-7-methyl-6-oxidanyl-purin-7-ium-9-yl)-4-methoxy-3-oxidanyl-oxolan-2-yl]methoxy-oxidanyl-phosphoryl]oxy-selanyl-phosphoryl] [(2~{R},3~{S},4~{R})-5-(2-azanyl-6-oxidanylidene-1~{H}-purin-9-yl)-3,4-bis(oxidanyl)oxolan-2-yl]methyl hydrogen phosphate' 'C22 H32 N10 O17 P3 Se 1'
CL non-polymer 'CHLORIDE ION' 'Cl -1'
GOL non-polymer GLYCEROL 'C3 H8 O3'
#
# COMPACT_ATOMS: atom_id res chain seq x y z
N PRO A 4 -21.31 37.90 19.14
CA PRO A 4 -21.02 36.51 19.53
C PRO A 4 -19.79 35.98 18.81
N GLU A 5 -19.74 36.18 17.50
CA GLU A 5 -18.59 35.77 16.71
C GLU A 5 -17.33 36.54 17.08
N HIS A 6 -17.44 37.60 17.89
CA HIS A 6 -16.30 38.46 18.19
C HIS A 6 -15.54 38.07 19.45
N TYR A 7 -16.10 37.21 20.31
CA TYR A 7 -15.47 36.97 21.61
C TYR A 7 -15.58 35.52 22.10
N ILE A 8 -16.24 34.64 21.38
N ILE A 8 -16.18 34.63 21.34
CA ILE A 8 -16.34 33.26 21.83
CA ILE A 8 -16.39 33.25 21.76
C ILE A 8 -15.23 32.45 21.19
C ILE A 8 -15.31 32.37 21.14
N LYS A 9 -14.67 31.53 21.96
CA LYS A 9 -13.74 30.56 21.42
C LYS A 9 -14.49 29.57 20.54
N HIS A 10 -13.77 28.96 19.60
CA HIS A 10 -14.39 28.05 18.66
C HIS A 10 -14.41 26.64 19.23
N PRO A 11 -15.55 26.08 19.58
CA PRO A 11 -15.57 24.76 20.22
C PRO A 11 -15.28 23.67 19.22
N LEU A 12 -14.49 22.70 19.64
CA LEU A 12 -14.22 21.51 18.86
C LEU A 12 -15.37 20.53 19.03
N GLN A 13 -15.54 19.64 18.05
N GLN A 13 -15.52 19.64 18.05
CA GLN A 13 -16.57 18.62 18.17
CA GLN A 13 -16.56 18.61 18.14
C GLN A 13 -16.35 17.77 19.42
C GLN A 13 -16.35 17.74 19.38
N ASN A 14 -15.09 17.48 19.75
CA ASN A 14 -14.75 16.69 20.93
C ASN A 14 -13.77 17.43 21.85
N ARG A 15 -13.83 17.09 23.15
CA ARG A 15 -12.75 17.39 24.08
C ARG A 15 -11.66 16.33 23.94
N TRP A 16 -10.41 16.77 23.90
CA TRP A 16 -9.25 15.91 23.69
C TRP A 16 -8.31 16.02 24.88
N ALA A 17 -7.56 14.95 25.11
CA ALA A 17 -6.55 14.87 26.17
C ALA A 17 -5.21 14.56 25.52
N LEU A 18 -4.19 15.34 25.88
CA LEU A 18 -2.82 15.08 25.45
C LEU A 18 -2.12 14.38 26.59
N TRP A 19 -1.42 13.29 26.25
CA TRP A 19 -0.71 12.43 27.18
C TRP A 19 0.76 12.43 26.82
N PHE A 20 1.62 12.25 27.82
CA PHE A 20 3.07 12.16 27.61
C PHE A 20 3.60 10.89 28.25
N PHE A 21 4.50 10.22 27.54
CA PHE A 21 5.16 9.02 28.05
C PHE A 21 6.65 9.24 28.02
N LYS A 22 7.34 8.88 29.11
CA LYS A 22 8.80 8.91 29.12
C LYS A 22 9.28 7.53 29.55
N ASN A 23 10.17 6.95 28.76
CA ASN A 23 10.67 5.62 29.05
C ASN A 23 11.55 5.69 30.30
N ASP A 24 11.10 5.03 31.35
CA ASP A 24 11.87 4.91 32.59
C ASP A 24 11.81 3.45 33.00
N LYS A 25 12.97 2.78 33.01
CA LYS A 25 13.02 1.34 33.31
C LYS A 25 12.72 1.02 34.76
N SER A 26 12.64 2.02 35.64
N SER A 26 12.62 2.02 35.64
CA SER A 26 12.27 1.77 37.02
CA SER A 26 12.28 1.75 37.03
C SER A 26 10.79 1.47 37.16
C SER A 26 10.78 1.78 37.28
N LYS A 27 9.96 1.95 36.23
CA LYS A 27 8.51 1.97 36.37
C LYS A 27 7.86 1.07 35.33
N THR A 28 6.64 0.62 35.62
CA THR A 28 5.87 -0.09 34.62
C THR A 28 5.51 0.86 33.47
N TRP A 29 5.11 0.26 32.35
CA TRP A 29 4.69 1.06 31.20
C TRP A 29 3.54 1.99 31.58
N GLN A 30 2.50 1.46 32.23
CA GLN A 30 1.36 2.29 32.58
C GLN A 30 1.76 3.43 33.52
N ALA A 31 2.70 3.19 34.43
CA ALA A 31 3.13 4.22 35.36
C ALA A 31 3.93 5.32 34.68
N ASN A 32 4.47 5.05 33.51
CA ASN A 32 5.24 6.02 32.76
C ASN A 32 4.36 6.92 31.90
N LEU A 33 3.07 6.65 31.85
CA LEU A 33 2.11 7.38 31.05
C LEU A 33 1.41 8.42 31.92
N ARG A 34 1.44 9.70 31.51
CA ARG A 34 0.86 10.79 32.29
C ARG A 34 0.01 11.70 31.43
N LEU A 35 -1.11 12.15 31.99
CA LEU A 35 -1.96 13.11 31.30
C LEU A 35 -1.37 14.51 31.44
N ILE A 36 -1.19 15.19 30.31
CA ILE A 36 -0.69 16.56 30.34
C ILE A 36 -1.83 17.53 30.61
N SER A 37 -2.78 17.60 29.69
CA SER A 37 -3.91 18.50 29.89
C SER A 37 -4.97 18.19 28.85
N LYS A 38 -6.12 18.83 29.00
CA LYS A 38 -7.24 18.65 28.08
C LYS A 38 -7.63 20.00 27.48
N PHE A 39 -8.28 19.94 26.33
CA PHE A 39 -8.78 21.15 25.65
C PHE A 39 -10.01 20.78 24.80
N ASP A 40 -10.87 21.76 24.55
CA ASP A 40 -12.04 21.52 23.69
C ASP A 40 -12.37 22.73 22.81
N THR A 41 -11.40 23.62 22.57
CA THR A 41 -11.58 24.72 21.62
C THR A 41 -10.36 24.78 20.71
N VAL A 42 -10.53 25.45 19.57
CA VAL A 42 -9.41 25.69 18.66
C VAL A 42 -8.32 26.48 19.37
N GLU A 43 -8.70 27.55 20.07
CA GLU A 43 -7.74 28.43 20.73
C GLU A 43 -6.94 27.68 21.79
N ASP A 44 -7.61 26.84 22.56
CA ASP A 44 -6.91 26.11 23.61
C ASP A 44 -6.03 25.00 23.03
N PHE A 45 -6.41 24.42 21.89
CA PHE A 45 -5.49 23.52 21.18
C PHE A 45 -4.18 24.23 20.86
N TRP A 46 -4.25 25.38 20.20
CA TRP A 46 -3.02 26.02 19.75
C TRP A 46 -2.19 26.53 20.94
N ALA A 47 -2.86 26.94 22.01
CA ALA A 47 -2.14 27.36 23.22
C ALA A 47 -1.32 26.20 23.78
N LEU A 48 -1.90 25.01 23.78
CA LEU A 48 -1.14 23.83 24.24
C LEU A 48 -0.03 23.47 23.26
N TYR A 49 -0.37 23.35 21.98
CA TYR A 49 0.63 22.95 20.99
C TYR A 49 1.81 23.90 21.00
N ASN A 50 1.57 25.22 21.12
CA ASN A 50 2.67 26.17 21.04
C ASN A 50 3.54 26.19 22.30
N HIS A 51 3.07 25.55 23.38
CA HIS A 51 3.72 25.51 24.68
C HIS A 51 4.70 24.36 24.81
N ILE A 52 4.50 23.29 24.05
CA ILE A 52 5.19 22.02 24.26
C ILE A 52 6.22 21.75 23.16
N GLN A 53 7.13 20.83 23.47
CA GLN A 53 8.21 20.54 22.53
C GLN A 53 7.67 19.91 21.25
N LEU A 54 8.29 20.23 20.12
CA LEU A 54 8.11 19.43 18.93
C LEU A 54 8.53 17.99 19.18
N SER A 55 7.83 17.04 18.57
CA SER A 55 8.18 15.62 18.71
C SER A 55 9.63 15.35 18.34
N SER A 56 10.16 16.07 17.34
CA SER A 56 11.54 15.85 16.92
C SER A 56 12.56 16.25 17.98
N ASN A 57 12.16 17.02 19.00
CA ASN A 57 13.06 17.48 20.05
CA ASN A 57 13.07 17.48 20.04
C ASN A 57 12.92 16.68 21.34
N LEU A 58 12.02 15.72 21.38
CA LEU A 58 11.88 14.87 22.55
C LEU A 58 13.04 13.88 22.61
N MET A 59 13.42 13.51 23.82
CA MET A 59 14.48 12.54 23.95
C MET A 59 13.98 11.15 23.55
N PRO A 60 14.85 10.31 23.01
CA PRO A 60 14.43 8.98 22.55
C PRO A 60 13.71 8.24 23.66
N GLY A 61 12.61 7.58 23.29
CA GLY A 61 11.84 6.80 24.22
C GLY A 61 10.56 7.44 24.67
N CYS A 62 10.28 8.69 24.25
CA CYS A 62 9.10 9.40 24.68
C CYS A 62 7.98 9.24 23.65
N ASP A 63 6.74 9.41 24.11
CA ASP A 63 5.59 9.47 23.21
C ASP A 63 4.73 10.68 23.57
N TYR A 64 4.03 11.20 22.57
CA TYR A 64 2.82 11.98 22.79
C TYR A 64 1.63 11.14 22.33
N SER A 65 0.49 11.27 23.02
CA SER A 65 -0.76 10.67 22.58
C SER A 65 -1.87 11.70 22.72
N LEU A 66 -2.70 11.86 21.69
CA LEU A 66 -3.89 12.71 21.75
C LEU A 66 -5.11 11.82 21.60
N PHE A 67 -5.92 11.74 22.65
CA PHE A 67 -7.09 10.85 22.63
C PHE A 67 -8.33 11.61 23.05
N LYS A 68 -9.47 11.16 22.53
CA LYS A 68 -10.72 11.73 22.97
C LYS A 68 -10.85 11.60 24.49
N ASP A 69 -11.33 12.65 25.13
CA ASP A 69 -11.51 12.65 26.58
C ASP A 69 -12.34 11.43 26.98
N GLY A 70 -11.83 10.68 27.96
CA GLY A 70 -12.47 9.46 28.40
C GLY A 70 -11.86 8.18 27.86
N ILE A 71 -10.98 8.27 26.86
CA ILE A 71 -10.31 7.10 26.30
C ILE A 71 -8.84 7.20 26.68
N GLU A 72 -8.38 6.27 27.52
CA GLU A 72 -6.95 6.20 27.81
C GLU A 72 -6.18 5.67 26.60
N PRO A 73 -4.86 6.19 26.37
CA PRO A 73 -4.11 5.77 25.18
C PRO A 73 -3.41 4.43 25.37
N MET A 74 -4.20 3.39 25.65
CA MET A 74 -3.66 2.07 25.91
C MET A 74 -4.62 1.02 25.37
N TRP A 75 -4.05 -0.12 24.99
CA TRP A 75 -4.85 -1.22 24.45
C TRP A 75 -6.01 -1.58 25.36
N GLU A 76 -5.81 -1.49 26.67
CA GLU A 76 -6.76 -2.05 27.63
C GLU A 76 -8.05 -1.27 27.72
N ASP A 77 -8.08 -0.02 27.26
CA ASP A 77 -9.30 0.77 27.31
C ASP A 77 -10.39 0.04 26.51
N GLU A 78 -11.62 0.11 27.02
CA GLU A 78 -12.74 -0.53 26.34
C GLU A 78 -12.88 -0.07 24.89
N LYS A 79 -12.50 1.16 24.58
CA LYS A 79 -12.64 1.66 23.22
C LYS A 79 -11.45 1.34 22.33
N ASN A 80 -10.38 0.76 22.89
CA ASN A 80 -9.23 0.33 22.11
C ASN A 80 -9.06 -1.18 22.03
N LYS A 81 -9.59 -1.95 22.97
N LYS A 81 -9.59 -1.94 22.98
CA LYS A 81 -9.21 -3.37 23.06
CA LYS A 81 -9.27 -3.36 23.08
C LYS A 81 -9.64 -4.16 21.82
C LYS A 81 -9.60 -4.11 21.79
N ARG A 82 -10.73 -3.77 21.15
CA ARG A 82 -11.14 -4.42 19.92
C ARG A 82 -10.62 -3.71 18.68
N GLY A 83 -9.77 -2.71 18.84
CA GLY A 83 -9.37 -1.82 17.78
C GLY A 83 -7.98 -2.08 17.24
N GLY A 84 -7.38 -1.05 16.67
CA GLY A 84 -6.13 -1.19 15.95
C GLY A 84 -5.68 0.17 15.47
N ARG A 85 -4.61 0.16 14.69
CA ARG A 85 -3.96 1.42 14.34
C ARG A 85 -3.48 1.41 12.90
N TRP A 86 -3.66 2.54 12.21
CA TRP A 86 -2.93 2.83 10.98
C TRP A 86 -1.54 3.31 11.35
N LEU A 87 -0.51 2.63 10.86
CA LEU A 87 0.85 2.88 11.28
C LEU A 87 1.66 3.58 10.19
N ILE A 88 2.27 4.71 10.57
CA ILE A 88 3.29 5.40 9.76
C ILE A 88 4.64 5.10 10.39
N THR A 89 5.49 4.42 9.65
CA THR A 89 6.85 4.12 10.12
C THR A 89 7.81 5.07 9.42
N LEU A 90 8.60 5.79 10.20
CA LEU A 90 9.52 6.78 9.66
C LEU A 90 10.94 6.22 9.76
N ASN A 91 11.72 6.41 8.71
CA ASN A 91 13.13 6.09 8.85
C ASN A 91 13.82 7.20 9.63
N LYS A 92 15.12 7.03 9.88
CA LYS A 92 15.78 7.93 10.81
C LYS A 92 15.97 9.32 10.21
N GLN A 93 16.08 9.42 8.88
CA GLN A 93 16.21 10.72 8.25
C GLN A 93 14.88 11.48 8.29
N GLN A 94 13.76 10.77 8.35
CA GLN A 94 12.44 11.39 8.42
C GLN A 94 12.15 12.06 9.75
N ARG A 95 12.95 11.79 10.79
CA ARG A 95 12.90 12.59 12.01
C ARG A 95 13.04 14.07 11.70
N ARG A 96 13.95 14.40 10.77
CA ARG A 96 14.17 15.79 10.38
C ARG A 96 13.12 16.28 9.39
N SER A 97 12.79 15.47 8.37
CA SER A 97 12.00 15.99 7.25
C SER A 97 10.50 15.93 7.50
N ASP A 98 10.00 14.88 8.15
CA ASP A 98 8.57 14.59 8.13
C ASP A 98 7.91 14.47 9.49
N LEU A 99 8.65 14.18 10.56
CA LEU A 99 8.01 13.77 11.80
C LEU A 99 7.07 14.86 12.34
N ASP A 100 7.58 16.08 12.49
CA ASP A 100 6.75 17.15 13.05
C ASP A 100 5.60 17.52 12.12
N ARG A 101 5.85 17.59 10.81
CA ARG A 101 4.76 17.99 9.93
C ARG A 101 3.68 16.92 9.87
N PHE A 102 4.07 15.63 9.84
CA PHE A 102 3.09 14.55 9.89
C PHE A 102 2.32 14.55 11.19
N TRP A 103 3.00 14.81 12.30
CA TRP A 103 2.28 14.75 13.56
C TRP A 103 1.29 15.90 13.67
N LEU A 104 1.65 17.10 13.23
CA LEU A 104 0.67 18.17 13.31
C LEU A 104 -0.51 17.88 12.40
N GLU A 105 -0.26 17.38 11.18
CA GLU A 105 -1.35 16.98 10.30
C GLU A 105 -2.25 15.95 10.96
N THR A 106 -1.65 14.99 11.66
CA THR A 106 -2.43 13.98 12.37
C THR A 106 -3.30 14.61 13.45
N LEU A 107 -2.71 15.53 14.25
CA LEU A 107 -3.49 16.22 15.28
C LEU A 107 -4.68 16.94 14.66
N LEU A 108 -4.47 17.59 13.51
CA LEU A 108 -5.56 18.30 12.85
C LEU A 108 -6.61 17.35 12.28
N CYS A 109 -6.19 16.22 11.70
CA CYS A 109 -7.19 15.24 11.26
C CYS A 109 -8.08 14.84 12.40
N LEU A 110 -7.51 14.72 13.60
CA LEU A 110 -8.31 14.34 14.76
C LEU A 110 -9.29 15.46 15.14
N ILE A 111 -8.75 16.64 15.45
CA ILE A 111 -9.58 17.68 16.07
C ILE A 111 -10.53 18.31 15.07
N GLY A 112 -10.19 18.30 13.78
CA GLY A 112 -11.09 18.78 12.75
C GLY A 112 -12.06 17.74 12.23
N GLU A 113 -12.09 16.56 12.84
CA GLU A 113 -13.02 15.46 12.48
C GLU A 113 -12.99 15.17 10.98
N SER A 114 -11.79 14.86 10.46
CA SER A 114 -11.59 14.82 9.02
C SER A 114 -11.99 13.48 8.37
N PHE A 115 -12.62 12.55 9.07
CA PHE A 115 -12.93 11.24 8.50
C PHE A 115 -14.43 11.04 8.30
N ASP A 116 -15.14 12.14 8.08
CA ASP A 116 -16.55 12.14 7.67
C ASP A 116 -17.35 11.37 8.73
N ASP A 117 -18.26 10.51 8.31
CA ASP A 117 -19.11 9.75 9.21
C ASP A 117 -18.38 8.63 9.91
N TYR A 118 -17.07 8.51 9.74
CA TYR A 118 -16.27 7.53 10.46
C TYR A 118 -15.39 8.17 11.53
N SER A 119 -15.47 9.49 11.71
CA SER A 119 -14.64 10.09 12.74
C SER A 119 -15.04 9.61 14.13
N ASP A 120 -16.23 9.04 14.28
CA ASP A 120 -16.64 8.43 15.55
C ASP A 120 -15.87 7.16 15.86
N ASP A 121 -15.31 6.49 14.85
CA ASP A 121 -14.47 5.33 15.06
C ASP A 121 -13.05 5.68 15.52
N VAL A 122 -12.64 6.95 15.34
CA VAL A 122 -11.31 7.36 15.76
C VAL A 122 -11.27 7.46 17.28
N CYS A 123 -10.23 6.86 17.88
CA CYS A 123 -9.98 7.02 19.31
C CYS A 123 -8.93 8.08 19.63
N GLY A 124 -7.87 8.14 18.83
CA GLY A 124 -6.79 9.09 19.05
C GLY A 124 -5.59 8.77 18.17
N ALA A 125 -4.46 9.34 18.53
CA ALA A 125 -3.24 9.13 17.75
C ALA A 125 -2.04 9.14 18.70
N VAL A 126 -0.95 8.53 18.24
CA VAL A 126 0.25 8.35 19.07
C VAL A 126 1.45 8.59 18.20
N VAL A 127 2.42 9.35 18.72
CA VAL A 127 3.74 9.45 18.10
C VAL A 127 4.76 8.86 19.07
N ASN A 128 5.55 7.90 18.58
CA ASN A 128 6.64 7.30 19.32
C ASN A 128 7.95 7.84 18.77
N VAL A 129 8.70 8.54 19.60
CA VAL A 129 10.06 8.98 19.24
C VAL A 129 11.03 7.91 19.69
N ARG A 130 11.75 7.32 18.72
CA ARG A 130 12.58 6.14 18.92
C ARG A 130 13.87 6.27 18.14
N ALA A 131 14.98 5.90 18.78
CA ALA A 131 16.28 5.90 18.09
C ALA A 131 16.27 5.01 16.87
N LYS A 132 15.51 3.92 16.89
CA LYS A 132 15.51 2.98 15.76
C LYS A 132 14.62 3.43 14.61
N GLY A 133 13.78 4.44 14.84
CA GLY A 133 12.88 4.90 13.81
C GLY A 133 11.54 5.28 14.40
N ASP A 134 11.08 6.49 14.13
CA ASP A 134 9.89 7.02 14.77
C ASP A 134 8.63 6.40 14.16
N LYS A 135 7.52 6.52 14.90
CA LYS A 135 6.24 6.00 14.45
C LYS A 135 5.14 7.00 14.75
N ILE A 136 4.23 7.15 13.82
CA ILE A 136 2.97 7.86 14.07
C ILE A 136 1.81 6.90 13.78
N ALA A 137 0.75 6.96 14.59
CA ALA A 137 -0.36 6.05 14.32
C ALA A 137 -1.68 6.69 14.72
N ILE A 138 -2.73 6.43 13.93
CA ILE A 138 -4.10 6.77 14.32
C ILE A 138 -4.78 5.49 14.81
N TRP A 139 -5.37 5.57 15.99
CA TRP A 139 -6.01 4.43 16.64
C TRP A 139 -7.51 4.50 16.40
N THR A 140 -8.09 3.39 15.97
CA THR A 140 -9.52 3.27 15.77
C THR A 140 -10.09 2.13 16.64
N THR A 141 -11.40 2.18 16.80
CA THR A 141 -12.05 1.47 17.91
C THR A 141 -12.40 0.02 17.62
N GLU A 142 -12.47 -0.40 16.35
CA GLU A 142 -12.93 -1.75 16.01
C GLU A 142 -12.21 -2.22 14.76
N CYS A 143 -11.26 -3.16 14.93
CA CYS A 143 -10.45 -3.59 13.80
C CYS A 143 -11.24 -4.40 12.77
N GLU A 144 -12.42 -4.90 13.13
CA GLU A 144 -13.24 -5.66 12.20
C GLU A 144 -14.13 -4.77 11.34
N ASN A 145 -14.13 -3.44 11.55
CA ASN A 145 -15.05 -2.56 10.83
C ASN A 145 -14.36 -2.14 9.53
N ARG A 146 -14.57 -2.95 8.49
CA ARG A 146 -13.77 -2.79 7.28
C ARG A 146 -14.01 -1.45 6.59
N ASP A 147 -15.28 -1.03 6.47
CA ASP A 147 -15.55 0.23 5.80
C ASP A 147 -14.93 1.41 6.54
N ALA A 148 -15.07 1.45 7.86
CA ALA A 148 -14.56 2.57 8.63
C ALA A 148 -13.04 2.60 8.62
N VAL A 149 -12.43 1.43 8.81
CA VAL A 149 -10.96 1.37 8.88
C VAL A 149 -10.36 1.76 7.53
N THR A 150 -10.86 1.16 6.45
CA THR A 150 -10.27 1.46 5.14
C THR A 150 -10.51 2.91 4.72
N HIS A 151 -11.65 3.48 5.08
CA HIS A 151 -11.90 4.88 4.74
C HIS A 151 -10.97 5.80 5.52
N ILE A 152 -10.77 5.53 6.80
CA ILE A 152 -9.87 6.35 7.60
C ILE A 152 -8.45 6.26 7.04
N GLY A 153 -8.03 5.05 6.65
CA GLY A 153 -6.66 4.90 6.15
C GLY A 153 -6.44 5.60 4.82
N ARG A 154 -7.42 5.54 3.93
N ARG A 154 -7.42 5.56 3.93
CA ARG A 154 -7.31 6.21 2.63
CA ARG A 154 -7.27 6.22 2.64
C ARG A 154 -7.26 7.72 2.80
C ARG A 154 -7.27 7.74 2.78
N VAL A 155 -8.15 8.27 3.63
CA VAL A 155 -8.15 9.72 3.89
C VAL A 155 -6.85 10.14 4.55
N TYR A 156 -6.39 9.37 5.54
CA TYR A 156 -5.18 9.70 6.27
C TYR A 156 -3.97 9.75 5.35
N LYS A 157 -3.80 8.72 4.53
CA LYS A 157 -2.64 8.67 3.64
C LYS A 157 -2.62 9.89 2.74
N GLU A 158 -3.78 10.34 2.27
CA GLU A 158 -3.82 11.49 1.36
C GLU A 158 -3.57 12.80 2.09
N ARG A 159 -4.07 12.93 3.33
CA ARG A 159 -3.82 14.15 4.10
C ARG A 159 -2.34 14.29 4.45
N LEU A 160 -1.65 13.17 4.71
CA LEU A 160 -0.21 13.20 4.87
C LEU A 160 0.53 13.46 3.57
N GLY A 161 -0.12 13.30 2.41
CA GLY A 161 0.59 13.53 1.16
C GLY A 161 1.53 12.41 0.75
N LEU A 162 1.34 11.20 1.27
CA LEU A 162 2.20 10.08 0.90
C LEU A 162 2.04 9.74 -0.57
N PRO A 163 3.12 9.48 -1.28
CA PRO A 163 3.02 9.09 -2.68
C PRO A 163 2.18 7.83 -2.85
N PRO A 164 1.37 7.74 -3.91
CA PRO A 164 0.61 6.50 -4.14
C PRO A 164 1.48 5.27 -4.22
N LYS A 165 2.80 5.43 -4.33
CA LYS A 165 3.71 4.29 -4.25
C LYS A 165 3.69 3.68 -2.86
N ILE A 166 3.80 4.53 -1.83
CA ILE A 166 3.97 4.04 -0.46
C ILE A 166 2.74 3.24 -0.04
N VAL A 167 2.98 2.23 0.79
CA VAL A 167 1.91 1.41 1.36
C VAL A 167 2.01 1.47 2.88
N ILE A 168 0.88 1.76 3.53
CA ILE A 168 0.80 1.73 4.99
C ILE A 168 -0.15 0.61 5.41
N GLY A 169 0.12 0.08 6.60
CA GLY A 169 -0.66 -1.02 7.13
C GLY A 169 -1.46 -0.69 8.36
N TYR A 170 -2.52 -1.47 8.58
CA TYR A 170 -3.36 -1.38 9.77
C TYR A 170 -3.22 -2.68 10.56
N GLN A 171 -2.88 -2.54 11.85
CA GLN A 171 -2.65 -3.70 12.70
C GLN A 171 -3.62 -3.65 13.87
N SER A 172 -4.16 -4.81 14.25
N SER A 172 -4.13 -4.82 14.25
CA SER A 172 -5.03 -4.86 15.42
CA SER A 172 -4.99 -4.93 15.42
C SER A 172 -4.20 -4.84 16.70
C SER A 172 -4.17 -4.83 16.70
N HIS A 173 -4.74 -4.20 17.74
CA HIS A 173 -4.05 -4.14 19.01
C HIS A 173 -3.89 -5.53 19.63
N ALA A 174 -4.86 -6.42 19.39
CA ALA A 174 -4.77 -7.77 19.92
C ALA A 174 -3.54 -8.48 19.35
N ASP A 175 -3.25 -8.29 18.06
CA ASP A 175 -2.05 -8.88 17.47
C ASP A 175 -0.79 -8.25 18.04
N THR A 176 -0.77 -6.91 18.16
CA THR A 176 0.40 -6.23 18.70
C THR A 176 0.72 -6.70 20.11
N ALA A 177 -0.32 -6.82 20.95
CA ALA A 177 -0.12 -7.13 22.37
C ALA A 177 0.35 -8.55 22.60
N THR A 178 0.09 -9.45 21.66
CA THR A 178 0.38 -10.87 21.86
C THR A 178 1.50 -11.35 20.93
N LYS A 185 1.30 -8.42 11.94
CA LYS A 185 0.71 -8.55 10.61
C LYS A 185 -0.24 -7.41 10.30
N ASN A 186 -0.41 -7.08 9.02
CA ASN A 186 -1.39 -6.10 8.60
C ASN A 186 -2.73 -6.76 8.39
N ARG A 187 -3.79 -6.14 8.93
CA ARG A 187 -5.15 -6.54 8.60
C ARG A 187 -5.60 -5.91 7.29
N PHE A 188 -5.18 -4.67 7.03
CA PHE A 188 -5.52 -3.92 5.84
C PHE A 188 -4.31 -3.13 5.40
N VAL A 189 -4.30 -2.75 4.12
CA VAL A 189 -3.28 -1.89 3.54
C VAL A 189 -3.95 -0.90 2.60
N VAL A 190 -3.37 0.30 2.52
CA VAL A 190 -3.81 1.33 1.56
C VAL A 190 -2.60 2.06 1.00
N GLU B 5 -36.32 -16.17 -27.16
CA GLU B 5 -35.46 -16.17 -25.99
C GLU B 5 -34.98 -17.57 -25.65
N HIS B 6 -35.68 -18.57 -26.19
CA HIS B 6 -35.30 -19.97 -25.99
C HIS B 6 -34.24 -20.44 -26.97
N TYR B 7 -33.89 -19.64 -27.98
CA TYR B 7 -32.99 -20.07 -29.03
C TYR B 7 -31.92 -19.03 -29.38
N ILE B 8 -31.96 -17.85 -28.78
CA ILE B 8 -30.99 -16.81 -29.07
C ILE B 8 -29.80 -16.96 -28.14
N LYS B 9 -28.60 -16.81 -28.68
CA LYS B 9 -27.41 -16.73 -27.84
C LYS B 9 -27.43 -15.42 -27.06
N HIS B 10 -26.73 -15.40 -25.93
CA HIS B 10 -26.73 -14.23 -25.06
C HIS B 10 -25.64 -13.26 -25.51
N PRO B 11 -25.97 -12.11 -26.09
CA PRO B 11 -24.93 -11.21 -26.60
C PRO B 11 -24.17 -10.57 -25.45
N LEU B 12 -22.85 -10.44 -25.63
CA LEU B 12 -22.03 -9.69 -24.69
C LEU B 12 -22.11 -8.21 -25.01
N GLN B 13 -21.73 -7.39 -24.02
CA GLN B 13 -21.73 -5.95 -24.25
C GLN B 13 -20.72 -5.58 -25.32
N ASN B 14 -19.57 -6.26 -25.33
CA ASN B 14 -18.51 -6.04 -26.30
C ASN B 14 -18.18 -7.32 -27.08
N ARG B 15 -17.71 -7.13 -28.30
CA ARG B 15 -17.02 -8.20 -29.01
C ARG B 15 -15.56 -8.20 -28.60
N TRP B 16 -15.02 -9.40 -28.38
CA TRP B 16 -13.68 -9.58 -27.84
C TRP B 16 -12.84 -10.41 -28.79
N ALA B 17 -11.52 -10.20 -28.73
CA ALA B 17 -10.57 -10.92 -29.56
C ALA B 17 -9.55 -11.59 -28.65
N LEU B 18 -9.34 -12.88 -28.87
CA LEU B 18 -8.30 -13.60 -28.13
C LEU B 18 -7.07 -13.68 -29.00
N TRP B 19 -5.93 -13.41 -28.39
CA TRP B 19 -4.66 -13.38 -29.07
C TRP B 19 -3.71 -14.37 -28.40
N PHE B 20 -2.78 -14.89 -29.19
CA PHE B 20 -1.76 -15.81 -28.70
C PHE B 20 -0.38 -15.30 -29.07
N PHE B 21 0.55 -15.46 -28.14
CA PHE B 21 1.95 -15.07 -28.34
C PHE B 21 2.82 -16.27 -28.02
N LYS B 22 3.75 -16.59 -28.92
CA LYS B 22 4.75 -17.60 -28.64
C LYS B 22 6.11 -16.98 -28.80
N ASN B 23 6.93 -17.09 -27.77
CA ASN B 23 8.31 -16.61 -27.86
C ASN B 23 9.05 -17.40 -28.94
N ASP B 24 9.55 -16.68 -29.92
CA ASP B 24 10.36 -17.24 -31.00
C ASP B 24 11.44 -16.20 -31.28
N LYS B 25 12.69 -16.56 -30.98
CA LYS B 25 13.76 -15.58 -31.11
C LYS B 25 14.08 -15.23 -32.55
N SER B 26 13.55 -15.97 -33.51
CA SER B 26 13.77 -15.69 -34.92
CA SER B 26 13.82 -15.63 -34.90
C SER B 26 12.91 -14.54 -35.44
N LYS B 27 11.94 -14.09 -34.65
CA LYS B 27 10.95 -13.11 -35.09
C LYS B 27 10.91 -11.92 -34.14
N THR B 28 10.42 -10.79 -34.64
CA THR B 28 10.22 -9.67 -33.75
C THR B 28 9.05 -9.97 -32.80
N TRP B 29 8.90 -9.13 -31.78
CA TRP B 29 7.82 -9.34 -30.82
C TRP B 29 6.46 -9.22 -31.50
N GLN B 30 6.26 -8.20 -32.34
CA GLN B 30 4.96 -8.06 -32.98
C GLN B 30 4.66 -9.22 -33.91
N ALA B 31 5.69 -9.77 -34.56
CA ALA B 31 5.47 -10.87 -35.49
C ALA B 31 5.10 -12.16 -34.76
N ASN B 32 5.38 -12.23 -33.46
CA ASN B 32 5.06 -13.39 -32.66
C ASN B 32 3.66 -13.35 -32.11
N LEU B 33 2.98 -12.22 -32.27
CA LEU B 33 1.62 -12.04 -31.79
C LEU B 33 0.63 -12.42 -32.89
N ARG B 34 -0.38 -13.25 -32.57
CA ARG B 34 -1.34 -13.73 -33.57
C ARG B 34 -2.76 -13.68 -33.01
N LEU B 35 -3.70 -13.25 -33.83
CA LEU B 35 -5.09 -13.28 -33.40
C LEU B 35 -5.63 -14.71 -33.53
N ILE B 36 -6.24 -15.21 -32.47
CA ILE B 36 -6.80 -16.56 -32.49
C ILE B 36 -8.21 -16.51 -33.05
N SER B 37 -9.13 -15.85 -32.35
CA SER B 37 -10.49 -15.71 -32.88
C SER B 37 -11.22 -14.64 -32.08
N LYS B 38 -12.41 -14.31 -32.56
CA LYS B 38 -13.26 -13.33 -31.89
C LYS B 38 -14.61 -13.95 -31.53
N PHE B 39 -15.28 -13.32 -30.57
CA PHE B 39 -16.58 -13.79 -30.10
C PHE B 39 -17.34 -12.62 -29.49
N ASP B 40 -18.68 -12.72 -29.51
CA ASP B 40 -19.46 -11.64 -28.91
C ASP B 40 -20.71 -12.18 -28.21
N THR B 41 -20.72 -13.45 -27.83
CA THR B 41 -21.79 -14.07 -27.05
C THR B 41 -21.19 -14.89 -25.90
N VAL B 42 -22.02 -15.11 -24.88
CA VAL B 42 -21.62 -16.00 -23.78
C VAL B 42 -21.27 -17.38 -24.31
N GLU B 43 -22.11 -17.91 -25.19
CA GLU B 43 -21.95 -19.27 -25.71
C GLU B 43 -20.67 -19.41 -26.52
N ASP B 44 -20.37 -18.41 -27.35
CA ASP B 44 -19.15 -18.46 -28.14
C ASP B 44 -17.90 -18.25 -27.29
N PHE B 45 -17.99 -17.46 -26.20
CA PHE B 45 -16.87 -17.41 -25.25
C PHE B 45 -16.54 -18.80 -24.73
N TRP B 46 -17.54 -19.51 -24.22
CA TRP B 46 -17.25 -20.81 -23.59
C TRP B 46 -16.78 -21.83 -24.61
N ALA B 47 -17.33 -21.81 -25.83
CA ALA B 47 -16.83 -22.72 -26.86
C ALA B 47 -15.34 -22.51 -27.10
N LEU B 48 -14.91 -21.25 -27.14
CA LEU B 48 -13.50 -20.95 -27.32
C LEU B 48 -12.69 -21.37 -26.11
N TYR B 49 -13.13 -20.94 -24.90
CA TYR B 49 -12.40 -21.29 -23.70
C TYR B 49 -12.23 -22.80 -23.54
N ASN B 50 -13.28 -23.59 -23.81
CA ASN B 50 -13.21 -25.03 -23.60
C ASN B 50 -12.35 -25.74 -24.64
N HIS B 51 -11.99 -25.04 -25.72
CA HIS B 51 -11.24 -25.56 -26.85
C HIS B 51 -9.73 -25.42 -26.67
N ILE B 52 -9.29 -24.44 -25.88
CA ILE B 52 -7.89 -24.03 -25.85
C ILE B 52 -7.23 -24.49 -24.55
N GLN B 53 -5.90 -24.48 -24.55
CA GLN B 53 -5.14 -24.94 -23.40
C GLN B 53 -5.34 -24.01 -22.22
N LEU B 54 -5.38 -24.57 -21.02
CA LEU B 54 -5.23 -23.76 -19.81
C LEU B 54 -3.88 -23.06 -19.82
N SER B 55 -3.85 -21.86 -19.25
CA SER B 55 -2.60 -21.08 -19.21
C SER B 55 -1.48 -21.86 -18.54
N SER B 56 -1.81 -22.65 -17.51
CA SER B 56 -0.78 -23.41 -16.78
C SER B 56 -0.13 -24.49 -17.63
N ASN B 57 -0.72 -24.85 -18.76
CA ASN B 57 -0.20 -25.89 -19.64
CA ASN B 57 -0.18 -25.89 -19.63
C ASN B 57 0.57 -25.33 -20.83
N LEU B 58 0.60 -24.02 -20.99
CA LEU B 58 1.32 -23.43 -22.11
C LEU B 58 2.82 -23.52 -21.85
N MET B 59 3.58 -23.70 -22.93
CA MET B 59 5.04 -23.66 -22.84
C MET B 59 5.50 -22.31 -22.30
N PRO B 60 6.57 -22.28 -21.48
CA PRO B 60 7.08 -21.00 -20.98
C PRO B 60 7.41 -20.04 -22.13
N GLY B 61 7.04 -18.77 -21.94
CA GLY B 61 7.26 -17.74 -22.95
C GLY B 61 6.03 -17.38 -23.76
N CYS B 62 4.91 -18.08 -23.56
CA CYS B 62 3.69 -17.81 -24.29
C CYS B 62 2.82 -16.82 -23.51
N ASP B 63 1.94 -16.11 -24.23
CA ASP B 63 0.91 -15.29 -23.62
C ASP B 63 -0.44 -15.58 -24.24
N TYR B 64 -1.50 -15.37 -23.47
CA TYR B 64 -2.84 -15.09 -24.01
C TYR B 64 -3.17 -13.63 -23.75
N SER B 65 -3.88 -13.00 -24.68
CA SER B 65 -4.42 -11.66 -24.47
C SER B 65 -5.89 -11.65 -24.91
N LEU B 66 -6.77 -11.08 -24.09
CA LEU B 66 -8.17 -10.86 -24.49
C LEU B 66 -8.44 -9.36 -24.49
N PHE B 67 -8.67 -8.79 -25.68
CA PHE B 67 -8.86 -7.36 -25.83
C PHE B 67 -10.15 -7.08 -26.59
N LYS B 68 -10.73 -5.93 -26.29
CA LYS B 68 -11.89 -5.49 -27.06
C LYS B 68 -11.54 -5.47 -28.55
N ASP B 69 -12.49 -5.90 -29.37
CA ASP B 69 -12.31 -5.91 -30.81
C ASP B 69 -11.91 -4.52 -31.28
N GLY B 70 -10.83 -4.45 -32.04
CA GLY B 70 -10.30 -3.18 -32.51
C GLY B 70 -9.13 -2.63 -31.72
N ILE B 71 -8.82 -3.20 -30.55
CA ILE B 71 -7.68 -2.79 -29.74
C ILE B 71 -6.64 -3.90 -29.82
N GLU B 72 -5.50 -3.60 -30.42
CA GLU B 72 -4.44 -4.61 -30.41
C GLU B 72 -3.76 -4.68 -29.04
N PRO B 73 -3.32 -5.93 -28.60
CA PRO B 73 -2.74 -6.09 -27.26
C PRO B 73 -1.28 -5.64 -27.20
N MET B 74 -1.05 -4.38 -27.57
CA MET B 74 0.29 -3.82 -27.57
C MET B 74 0.23 -2.36 -27.15
N TRP B 75 1.34 -1.91 -26.56
CA TRP B 75 1.46 -0.51 -26.10
C TRP B 75 1.11 0.48 -27.20
N GLU B 76 1.48 0.16 -28.44
CA GLU B 76 1.42 1.16 -29.51
C GLU B 76 0.01 1.47 -29.95
N ASP B 77 -0.97 0.65 -29.59
CA ASP B 77 -2.35 0.95 -29.95
C ASP B 77 -2.77 2.29 -29.35
N GLU B 78 -3.52 3.07 -30.13
CA GLU B 78 -3.97 4.37 -29.64
C GLU B 78 -4.69 4.27 -28.30
N LYS B 79 -5.38 3.15 -28.03
CA LYS B 79 -6.10 3.00 -26.76
C LYS B 79 -5.24 2.45 -25.64
N ASN B 80 -3.98 2.11 -25.91
CA ASN B 80 -3.06 1.66 -24.86
C ASN B 80 -1.91 2.61 -24.61
N LYS B 81 -1.55 3.44 -25.60
CA LYS B 81 -0.33 4.23 -25.49
C LYS B 81 -0.34 5.15 -24.28
N ARG B 82 -1.50 5.69 -23.89
CA ARG B 82 -1.63 6.55 -22.73
C ARG B 82 -2.07 5.78 -21.49
N GLY B 83 -2.08 4.45 -21.54
CA GLY B 83 -2.66 3.63 -20.51
C GLY B 83 -1.64 2.93 -19.64
N GLY B 84 -2.08 1.87 -18.98
CA GLY B 84 -1.24 1.09 -18.11
C GLY B 84 -1.94 -0.17 -17.68
N ARG B 85 -1.38 -0.83 -16.67
CA ARG B 85 -1.93 -2.14 -16.29
C ARG B 85 -1.95 -2.31 -14.78
N TRP B 86 -3.00 -2.97 -14.30
CA TRP B 86 -2.99 -3.55 -12.96
C TRP B 86 -2.31 -4.91 -13.03
N LEU B 87 -1.23 -5.08 -12.26
CA LEU B 87 -0.38 -6.25 -12.42
C LEU B 87 -0.51 -7.21 -11.24
N ILE B 88 -0.78 -8.47 -11.56
CA ILE B 88 -0.75 -9.56 -10.59
C ILE B 88 0.51 -10.36 -10.88
N THR B 89 1.43 -10.43 -9.92
CA THR B 89 2.64 -11.21 -10.10
C THR B 89 2.50 -12.52 -9.33
N LEU B 90 2.77 -13.62 -9.99
CA LEU B 90 2.59 -14.94 -9.41
C LEU B 90 3.96 -15.53 -9.11
N ASN B 91 4.10 -16.14 -7.94
CA ASN B 91 5.32 -16.90 -7.74
C ASN B 91 5.18 -18.24 -8.48
N LYS B 92 6.26 -19.02 -8.45
CA LYS B 92 6.30 -20.24 -9.23
C LYS B 92 5.32 -21.28 -8.70
N GLN B 93 5.07 -21.28 -7.40
CA GLN B 93 4.08 -22.18 -6.82
C GLN B 93 2.66 -21.81 -7.23
N GLN B 94 2.40 -20.53 -7.52
CA GLN B 94 1.07 -20.09 -7.92
C GLN B 94 0.69 -20.50 -9.34
N ARG B 95 1.62 -20.98 -10.16
CA ARG B 95 1.18 -21.54 -11.44
C ARG B 95 0.20 -22.69 -11.20
N ARG B 96 0.47 -23.49 -10.18
CA ARG B 96 -0.39 -24.63 -9.86
C ARG B 96 -1.67 -24.18 -9.19
N SER B 97 -1.57 -23.29 -8.20
CA SER B 97 -2.69 -23.03 -7.32
C SER B 97 -3.62 -21.94 -7.80
N ASP B 98 -3.10 -20.89 -8.47
CA ASP B 98 -3.91 -19.70 -8.76
C ASP B 98 -3.97 -19.30 -10.22
N LEU B 99 -2.99 -19.68 -11.07
CA LEU B 99 -2.90 -19.06 -12.41
C LEU B 99 -4.20 -19.22 -13.20
N ASP B 100 -4.69 -20.46 -13.30
CA ASP B 100 -5.87 -20.69 -14.14
C ASP B 100 -7.11 -20.07 -13.52
N ARG B 101 -7.27 -20.17 -12.20
CA ARG B 101 -8.49 -19.62 -11.61
C ARG B 101 -8.49 -18.09 -11.67
N PHE B 102 -7.32 -17.46 -11.45
CA PHE B 102 -7.19 -16.02 -11.60
C PHE B 102 -7.46 -15.58 -13.03
N TRP B 103 -6.96 -16.34 -14.00
CA TRP B 103 -7.13 -15.91 -15.39
C TRP B 103 -8.58 -16.04 -15.83
N LEU B 104 -9.25 -17.13 -15.45
CA LEU B 104 -10.66 -17.23 -15.81
C LEU B 104 -11.46 -16.11 -15.13
N GLU B 105 -11.16 -15.81 -13.86
CA GLU B 105 -11.85 -14.70 -13.20
C GLU B 105 -11.62 -13.40 -13.93
N THR B 106 -10.40 -13.19 -14.44
CA THR B 106 -10.08 -11.98 -15.19
C THR B 106 -10.87 -11.93 -16.49
N LEU B 107 -10.92 -13.04 -17.24
CA LEU B 107 -11.74 -13.11 -18.44
C LEU B 107 -13.20 -12.74 -18.14
N LEU B 108 -13.72 -13.24 -17.02
CA LEU B 108 -15.11 -12.94 -16.68
C LEU B 108 -15.27 -11.48 -16.29
N CYS B 109 -14.32 -10.92 -15.55
CA CYS B 109 -14.39 -9.49 -15.23
C CYS B 109 -14.49 -8.65 -16.49
N LEU B 110 -13.77 -9.05 -17.55
CA LEU B 110 -13.82 -8.31 -18.80
CA LEU B 110 -13.81 -8.33 -18.83
C LEU B 110 -15.16 -8.51 -19.50
N ILE B 111 -15.54 -9.76 -19.78
CA ILE B 111 -16.72 -9.96 -20.63
C ILE B 111 -18.02 -9.65 -19.90
N GLY B 112 -18.04 -9.77 -18.57
CA GLY B 112 -19.20 -9.38 -17.80
C GLY B 112 -19.27 -7.92 -17.43
N GLU B 113 -18.30 -7.11 -17.85
CA GLU B 113 -18.29 -5.66 -17.63
C GLU B 113 -18.41 -5.33 -16.15
N SER B 114 -17.52 -5.94 -15.36
CA SER B 114 -17.63 -5.90 -13.91
C SER B 114 -17.12 -4.62 -13.27
N PHE B 115 -16.68 -3.61 -14.05
CA PHE B 115 -16.14 -2.40 -13.44
C PHE B 115 -17.07 -1.20 -13.56
N ASP B 116 -18.37 -1.44 -13.72
CA ASP B 116 -19.41 -0.41 -13.60
C ASP B 116 -19.18 0.64 -14.69
N ASP B 117 -19.31 1.93 -14.34
CA ASP B 117 -19.08 3.02 -15.28
C ASP B 117 -17.71 2.91 -15.96
N TYR B 118 -16.71 2.44 -15.22
CA TYR B 118 -15.34 2.48 -15.70
C TYR B 118 -14.96 1.28 -16.54
N SER B 119 -15.89 0.35 -16.77
CA SER B 119 -15.57 -0.77 -17.65
C SER B 119 -15.25 -0.28 -19.07
N ASP B 120 -15.68 0.93 -19.42
CA ASP B 120 -15.30 1.49 -20.71
C ASP B 120 -13.82 1.87 -20.77
N ASP B 121 -13.18 2.14 -19.63
CA ASP B 121 -11.74 2.35 -19.57
C ASP B 121 -10.92 1.06 -19.74
N VAL B 122 -11.56 -0.10 -19.69
CA VAL B 122 -10.82 -1.36 -19.79
C VAL B 122 -10.52 -1.64 -21.26
N CYS B 123 -9.27 -1.96 -21.56
CA CYS B 123 -8.90 -2.36 -22.91
C CYS B 123 -8.85 -3.86 -23.08
N GLY B 124 -8.30 -4.57 -22.10
CA GLY B 124 -8.12 -6.01 -22.22
C GLY B 124 -7.32 -6.55 -21.05
N ALA B 125 -6.86 -7.79 -21.19
CA ALA B 125 -6.05 -8.40 -20.15
C ALA B 125 -5.06 -9.34 -20.81
N VAL B 126 -3.97 -9.61 -20.09
CA VAL B 126 -2.86 -10.39 -20.62
C VAL B 126 -2.41 -11.34 -19.54
N VAL B 127 -2.15 -12.60 -19.91
CA VAL B 127 -1.44 -13.52 -19.02
C VAL B 127 -0.14 -13.90 -19.69
N ASN B 128 0.96 -13.72 -18.97
CA ASN B 128 2.30 -14.14 -19.39
C ASN B 128 2.70 -15.40 -18.63
N VAL B 129 2.96 -16.47 -19.36
CA VAL B 129 3.48 -17.70 -18.73
C VAL B 129 4.99 -17.67 -18.88
N ARG B 130 5.69 -17.63 -17.74
CA ARG B 130 7.14 -17.47 -17.68
C ARG B 130 7.77 -18.38 -16.64
N ALA B 131 8.93 -18.94 -16.97
CA ALA B 131 9.68 -19.72 -15.99
C ALA B 131 9.93 -18.92 -14.72
N LYS B 132 10.22 -17.62 -14.86
CA LYS B 132 10.60 -16.81 -13.71
C LYS B 132 9.43 -16.55 -12.78
N GLY B 133 8.20 -16.68 -13.27
CA GLY B 133 7.03 -16.31 -12.50
C GLY B 133 5.99 -15.72 -13.41
N ASP B 134 4.77 -16.22 -13.35
CA ASP B 134 3.74 -15.80 -14.27
C ASP B 134 3.21 -14.42 -13.89
N LYS B 135 2.53 -13.78 -14.85
CA LYS B 135 1.91 -12.48 -14.63
C LYS B 135 0.52 -12.46 -15.25
N ILE B 136 -0.41 -11.82 -14.56
CA ILE B 136 -1.73 -11.51 -15.14
C ILE B 136 -1.97 -10.02 -14.97
N ALA B 137 -2.50 -9.37 -16.01
CA ALA B 137 -2.70 -7.93 -15.89
C ALA B 137 -3.96 -7.52 -16.62
N ILE B 138 -4.66 -6.53 -16.06
CA ILE B 138 -5.74 -5.83 -16.76
C ILE B 138 -5.21 -4.50 -17.28
N TRP B 139 -5.41 -4.25 -18.57
CA TRP B 139 -4.92 -3.04 -19.23
C TRP B 139 -6.06 -2.04 -19.33
N THR B 140 -5.79 -0.79 -18.96
CA THR B 140 -6.75 0.30 -19.03
C THR B 140 -6.20 1.42 -19.91
N THR B 141 -7.09 2.30 -20.36
CA THR B 141 -6.76 3.16 -21.50
C THR B 141 -6.03 4.45 -21.13
N GLU B 142 -6.09 4.92 -19.89
CA GLU B 142 -5.55 6.23 -19.55
C GLU B 142 -5.01 6.19 -18.13
N CYS B 143 -3.68 6.20 -17.99
CA CYS B 143 -3.07 6.02 -16.67
C CYS B 143 -3.28 7.23 -15.77
N GLU B 144 -3.83 8.32 -16.31
CA GLU B 144 -4.09 9.54 -15.55
C GLU B 144 -5.51 9.62 -15.00
N ASN B 145 -6.42 8.74 -15.44
CA ASN B 145 -7.79 8.73 -14.89
C ASN B 145 -7.75 8.06 -13.53
N ARG B 146 -7.41 8.85 -12.51
CA ARG B 146 -7.22 8.32 -11.17
C ARG B 146 -8.45 7.59 -10.66
N ASP B 147 -9.65 8.15 -10.90
CA ASP B 147 -10.86 7.51 -10.40
C ASP B 147 -11.09 6.17 -11.07
N ALA B 148 -11.02 6.14 -12.40
CA ALA B 148 -11.26 4.90 -13.13
C ALA B 148 -10.23 3.85 -12.78
N VAL B 149 -8.95 4.24 -12.75
CA VAL B 149 -7.88 3.29 -12.45
C VAL B 149 -8.04 2.71 -11.05
N THR B 150 -8.30 3.58 -10.07
CA THR B 150 -8.41 3.12 -8.69
C THR B 150 -9.62 2.21 -8.51
N HIS B 151 -10.75 2.55 -9.12
CA HIS B 151 -11.93 1.71 -8.97
C HIS B 151 -11.69 0.33 -9.57
N ILE B 152 -11.14 0.28 -10.79
CA ILE B 152 -10.87 -1.01 -11.42
C ILE B 152 -9.95 -1.84 -10.55
N GLY B 153 -8.88 -1.23 -10.02
CA GLY B 153 -7.97 -1.98 -9.16
C GLY B 153 -8.64 -2.53 -7.92
N ARG B 154 -9.49 -1.72 -7.28
CA ARG B 154 -10.19 -2.16 -6.07
C ARG B 154 -11.12 -3.34 -6.35
N VAL B 155 -11.92 -3.22 -7.40
CA VAL B 155 -12.84 -4.29 -7.79
C VAL B 155 -12.07 -5.55 -8.17
N TYR B 156 -11.04 -5.40 -9.00
CA TYR B 156 -10.26 -6.54 -9.46
C TYR B 156 -9.65 -7.31 -8.29
N LYS B 157 -9.08 -6.58 -7.33
CA LYS B 157 -8.45 -7.24 -6.20
C LYS B 157 -9.47 -8.06 -5.43
N GLU B 158 -10.68 -7.53 -5.23
CA GLU B 158 -11.71 -8.25 -4.49
C GLU B 158 -12.24 -9.44 -5.28
N ARG B 159 -12.39 -9.29 -6.61
CA ARG B 159 -12.89 -10.40 -7.42
C ARG B 159 -11.89 -11.55 -7.45
N LEU B 160 -10.60 -11.25 -7.41
CA LEU B 160 -9.58 -12.29 -7.32
C LEU B 160 -9.53 -12.93 -5.93
N GLY B 161 -10.10 -12.26 -4.93
CA GLY B 161 -10.05 -12.76 -3.57
C GLY B 161 -8.72 -12.57 -2.89
N LEU B 162 -7.91 -11.62 -3.34
CA LEU B 162 -6.59 -11.43 -2.76
C LEU B 162 -6.74 -10.97 -1.31
N PRO B 163 -5.90 -11.44 -0.41
CA PRO B 163 -6.05 -11.06 0.99
C PRO B 163 -5.80 -9.58 1.18
N PRO B 164 -6.61 -8.90 2.00
CA PRO B 164 -6.44 -7.46 2.19
C PRO B 164 -5.06 -7.04 2.66
N LYS B 165 -4.23 -7.99 3.10
CA LYS B 165 -2.86 -7.65 3.47
C LYS B 165 -1.95 -7.50 2.27
N ILE B 166 -2.34 -8.04 1.12
CA ILE B 166 -1.52 -8.04 -0.08
C ILE B 166 -1.75 -6.74 -0.83
N VAL B 167 -0.75 -6.35 -1.62
CA VAL B 167 -0.80 -5.11 -2.39
C VAL B 167 -0.47 -5.42 -3.83
N ILE B 168 -1.26 -4.85 -4.75
CA ILE B 168 -0.95 -4.90 -6.17
C ILE B 168 -0.75 -3.48 -6.68
N GLY B 169 0.06 -3.37 -7.75
CA GLY B 169 0.40 -2.08 -8.30
C GLY B 169 -0.07 -1.85 -9.73
N TYR B 170 -0.21 -0.57 -10.08
CA TYR B 170 -0.58 -0.15 -11.42
C TYR B 170 0.59 0.59 -12.05
N GLN B 171 1.03 0.13 -13.20
CA GLN B 171 2.18 0.69 -13.91
C GLN B 171 1.74 1.23 -15.27
N SER B 172 2.32 2.36 -15.67
CA SER B 172 2.04 2.90 -16.99
C SER B 172 2.86 2.16 -18.04
N HIS B 173 2.24 1.96 -19.21
CA HIS B 173 2.96 1.34 -20.32
C HIS B 173 4.13 2.20 -20.77
N ALA B 174 4.00 3.53 -20.67
CA ALA B 174 5.11 4.39 -21.04
C ALA B 174 6.33 4.13 -20.14
N ASP B 175 6.10 3.91 -18.85
CA ASP B 175 7.20 3.54 -17.96
C ASP B 175 7.73 2.15 -18.29
N THR B 176 6.83 1.21 -18.59
CA THR B 176 7.26 -0.16 -18.85
C THR B 176 8.14 -0.22 -20.09
N ALA B 177 7.74 0.50 -21.14
CA ALA B 177 8.42 0.41 -22.42
C ALA B 177 9.83 0.98 -22.35
N THR B 178 10.04 1.97 -21.49
CA THR B 178 11.35 2.59 -21.36
C THR B 178 12.08 2.07 -20.12
N LYS B 185 8.15 1.30 -11.83
CA LYS B 185 7.52 1.96 -10.70
C LYS B 185 6.00 1.83 -10.73
N ASN B 186 5.39 1.89 -9.55
CA ASN B 186 3.92 1.89 -9.44
C ASN B 186 3.38 3.30 -9.42
N ARG B 187 2.33 3.54 -10.21
CA ARG B 187 1.58 4.79 -10.16
C ARG B 187 0.52 4.79 -9.07
N PHE B 188 -0.14 3.66 -8.89
CA PHE B 188 -1.18 3.47 -7.88
C PHE B 188 -0.94 2.12 -7.24
N VAL B 189 -1.39 1.97 -6.00
CA VAL B 189 -1.43 0.68 -5.33
C VAL B 189 -2.79 0.50 -4.65
N VAL B 190 -3.24 -0.76 -4.56
CA VAL B 190 -4.46 -1.09 -3.82
C VAL B 190 -4.27 -2.42 -3.08
N GLU C 5 -2.88 -24.68 -32.89
CA GLU C 5 -1.49 -25.13 -32.83
C GLU C 5 -1.08 -25.37 -31.39
N HIS C 6 -0.13 -24.56 -30.91
CA HIS C 6 0.45 -24.70 -29.58
C HIS C 6 -0.50 -24.33 -28.45
N TYR C 7 -1.72 -23.90 -28.76
CA TYR C 7 -2.67 -23.48 -27.74
C TYR C 7 -3.97 -24.26 -27.80
N ILE C 8 -4.12 -25.18 -28.75
CA ILE C 8 -5.33 -25.97 -28.90
C ILE C 8 -5.15 -27.29 -28.18
N LYS C 9 -6.13 -27.64 -27.34
CA LYS C 9 -6.08 -28.95 -26.70
C LYS C 9 -6.27 -30.05 -27.73
N HIS C 10 -5.74 -31.23 -27.44
CA HIS C 10 -5.79 -32.29 -28.43
C HIS C 10 -7.12 -33.04 -28.34
N PRO C 11 -7.97 -32.96 -29.35
CA PRO C 11 -9.29 -33.59 -29.24
C PRO C 11 -9.22 -35.10 -29.32
N LEU C 12 -10.12 -35.74 -28.58
CA LEU C 12 -10.41 -37.17 -28.70
C LEU C 12 -11.53 -37.40 -29.70
N GLN C 13 -11.54 -38.62 -30.28
CA GLN C 13 -12.60 -38.93 -31.24
C GLN C 13 -13.96 -39.02 -30.56
N ASN C 14 -14.00 -39.41 -29.30
CA ASN C 14 -15.24 -39.45 -28.53
C ASN C 14 -15.08 -38.66 -27.24
N ARG C 15 -16.21 -38.17 -26.73
CA ARG C 15 -16.30 -37.72 -25.35
C ARG C 15 -16.54 -38.92 -24.44
N TRP C 16 -15.83 -38.96 -23.32
CA TRP C 16 -15.94 -40.07 -22.39
C TRP C 16 -16.50 -39.60 -21.05
N ALA C 17 -17.06 -40.52 -20.29
CA ALA C 17 -17.56 -40.23 -18.96
C ALA C 17 -16.98 -41.23 -17.97
N LEU C 18 -16.41 -40.72 -16.89
CA LEU C 18 -15.90 -41.56 -15.81
C LEU C 18 -16.95 -41.66 -14.72
N TRP C 19 -17.19 -42.88 -14.23
CA TRP C 19 -18.19 -43.15 -13.22
C TRP C 19 -17.53 -43.78 -12.01
N PHE C 20 -18.18 -43.65 -10.87
CA PHE C 20 -17.69 -44.22 -9.61
C PHE C 20 -18.83 -44.96 -8.93
N PHE C 21 -18.48 -46.00 -8.19
CA PHE C 21 -19.44 -46.78 -7.43
C PHE C 21 -18.85 -47.04 -6.05
N LYS C 22 -19.65 -46.78 -5.01
CA LYS C 22 -19.25 -47.08 -3.64
C LYS C 22 -20.37 -47.89 -3.01
N ASN C 23 -20.05 -49.11 -2.60
CA ASN C 23 -21.06 -50.02 -2.07
C ASN C 23 -21.60 -49.51 -0.74
N ASP C 24 -22.69 -48.76 -0.79
CA ASP C 24 -23.41 -48.33 0.40
C ASP C 24 -24.65 -49.23 0.55
N LYS C 25 -24.61 -50.12 1.55
CA LYS C 25 -25.68 -51.09 1.71
C LYS C 25 -27.03 -50.42 1.95
N SER C 26 -27.03 -49.24 2.57
CA SER C 26 -28.27 -48.50 2.79
C SER C 26 -28.97 -48.15 1.48
N LYS C 27 -28.25 -48.18 0.36
CA LYS C 27 -28.77 -47.81 -0.94
C LYS C 27 -28.98 -49.05 -1.81
N THR C 28 -29.56 -48.84 -2.97
CA THR C 28 -29.70 -49.85 -4.01
C THR C 28 -28.53 -49.74 -5.00
N TRP C 29 -28.34 -50.81 -5.78
CA TRP C 29 -27.23 -50.94 -6.72
C TRP C 29 -27.10 -49.75 -7.66
N GLN C 30 -28.07 -49.57 -8.55
CA GLN C 30 -28.02 -48.45 -9.48
C GLN C 30 -28.00 -47.10 -8.78
N ALA C 31 -28.46 -47.04 -7.52
CA ALA C 31 -28.45 -45.79 -6.78
C ALA C 31 -27.11 -45.48 -6.14
N ASN C 32 -26.21 -46.47 -6.05
CA ASN C 32 -24.86 -46.22 -5.58
C ASN C 32 -23.93 -45.81 -6.72
N LEU C 33 -24.43 -45.72 -7.95
CA LEU C 33 -23.62 -45.38 -9.10
C LEU C 33 -23.69 -43.88 -9.35
N ARG C 34 -22.53 -43.27 -9.62
CA ARG C 34 -22.44 -41.81 -9.67
C ARG C 34 -21.53 -41.34 -10.79
N LEU C 35 -22.00 -40.36 -11.55
CA LEU C 35 -21.17 -39.70 -12.56
C LEU C 35 -20.14 -38.81 -11.89
N ILE C 36 -18.87 -38.95 -12.28
CA ILE C 36 -17.83 -38.05 -11.80
C ILE C 36 -17.71 -36.85 -12.73
N SER C 37 -17.22 -37.07 -13.94
CA SER C 37 -17.00 -35.97 -14.88
C SER C 37 -16.87 -36.53 -16.29
N LYS C 38 -16.95 -35.64 -17.28
CA LYS C 38 -16.76 -35.97 -18.67
C LYS C 38 -15.57 -35.20 -19.22
N PHE C 39 -14.99 -35.73 -20.31
CA PHE C 39 -13.86 -35.08 -20.96
C PHE C 39 -13.83 -35.49 -22.43
N ASP C 40 -13.25 -34.62 -23.27
CA ASP C 40 -13.12 -35.01 -24.67
C ASP C 40 -11.82 -34.53 -25.31
N THR C 41 -10.79 -34.29 -24.50
CA THR C 41 -9.45 -33.98 -25.00
C THR C 41 -8.44 -34.77 -24.19
N VAL C 42 -7.23 -34.90 -24.74
CA VAL C 42 -6.14 -35.57 -24.03
C VAL C 42 -5.81 -34.84 -22.73
N GLU C 43 -5.65 -33.52 -22.81
CA GLU C 43 -5.26 -32.76 -21.63
C GLU C 43 -6.30 -32.92 -20.52
N ASP C 44 -7.59 -32.92 -20.89
CA ASP C 44 -8.63 -33.03 -19.87
C ASP C 44 -8.70 -34.44 -19.30
N PHE C 45 -8.35 -35.45 -20.10
CA PHE C 45 -8.20 -36.80 -19.56
C PHE C 45 -7.15 -36.83 -18.46
N TRP C 46 -5.96 -36.31 -18.76
CA TRP C 46 -4.89 -36.39 -17.76
C TRP C 46 -5.22 -35.57 -16.52
N ALA C 47 -5.89 -34.42 -16.71
CA ALA C 47 -6.30 -33.63 -15.55
C ALA C 47 -7.20 -34.44 -14.61
N LEU C 48 -8.08 -35.25 -15.18
CA LEU C 48 -8.96 -36.08 -14.36
C LEU C 48 -8.20 -37.25 -13.76
N TYR C 49 -7.46 -37.99 -14.58
CA TYR C 49 -6.72 -39.14 -14.07
C TYR C 49 -5.70 -38.74 -13.01
N ASN C 50 -5.05 -37.58 -13.17
CA ASN C 50 -4.00 -37.26 -12.21
C ASN C 50 -4.54 -36.82 -10.84
N HIS C 51 -5.83 -36.47 -10.72
CA HIS C 51 -6.30 -36.04 -9.41
C HIS C 51 -7.16 -37.07 -8.69
N ILE C 52 -7.39 -38.24 -9.27
CA ILE C 52 -8.23 -39.25 -8.63
C ILE C 52 -7.37 -40.42 -8.16
N GLN C 53 -7.94 -41.18 -7.23
CA GLN C 53 -7.20 -42.28 -6.63
C GLN C 53 -6.85 -43.34 -7.67
N LEU C 54 -5.65 -43.90 -7.55
CA LEU C 54 -5.36 -45.14 -8.27
C LEU C 54 -6.32 -46.23 -7.81
N SER C 55 -6.66 -47.12 -8.73
CA SER C 55 -7.63 -48.18 -8.44
C SER C 55 -7.19 -49.02 -7.26
N SER C 56 -5.88 -49.29 -7.15
CA SER C 56 -5.34 -50.12 -6.08
C SER C 56 -5.49 -49.48 -4.71
N ASN C 57 -5.88 -48.21 -4.65
CA ASN C 57 -6.10 -47.49 -3.40
C ASN C 57 -7.57 -47.35 -3.03
N LEU C 58 -8.48 -47.82 -3.87
CA LEU C 58 -9.91 -47.71 -3.58
C LEU C 58 -10.32 -48.72 -2.52
N MET C 59 -11.35 -48.36 -1.75
CA MET C 59 -11.87 -49.28 -0.76
C MET C 59 -12.49 -50.50 -1.43
N PRO C 60 -12.32 -51.69 -0.85
CA PRO C 60 -13.01 -52.89 -1.36
C PRO C 60 -14.49 -52.67 -1.69
N GLY C 61 -14.90 -53.13 -2.87
CA GLY C 61 -16.27 -53.01 -3.31
C GLY C 61 -16.56 -51.85 -4.22
N CYS C 62 -15.53 -51.09 -4.63
CA CYS C 62 -15.69 -49.89 -5.44
C CYS C 62 -15.31 -50.17 -6.89
N ASP C 63 -15.93 -49.42 -7.80
CA ASP C 63 -15.62 -49.50 -9.23
C ASP C 63 -15.29 -48.13 -9.79
N TYR C 64 -14.46 -48.12 -10.82
CA TYR C 64 -14.40 -47.05 -11.82
C TYR C 64 -14.94 -47.61 -13.14
N SER C 65 -15.70 -46.81 -13.87
CA SER C 65 -16.06 -47.17 -15.24
C SER C 65 -15.86 -45.97 -16.15
N LEU C 66 -15.22 -46.20 -17.30
CA LEU C 66 -15.10 -45.20 -18.34
C LEU C 66 -15.92 -45.65 -19.55
N PHE C 67 -16.93 -44.87 -19.91
CA PHE C 67 -17.81 -45.23 -21.00
C PHE C 67 -18.00 -44.04 -21.92
N LYS C 68 -18.24 -44.35 -23.19
CA LYS C 68 -18.56 -43.32 -24.16
C LYS C 68 -19.78 -42.53 -23.72
N ASP C 69 -19.74 -41.22 -23.96
CA ASP C 69 -20.81 -40.33 -23.58
C ASP C 69 -22.15 -40.83 -24.09
N GLY C 70 -23.11 -40.96 -23.18
CA GLY C 70 -24.44 -41.42 -23.49
C GLY C 70 -24.72 -42.85 -23.05
N ILE C 71 -23.69 -43.68 -22.94
CA ILE C 71 -23.83 -45.08 -22.56
C ILE C 71 -23.62 -45.18 -21.05
N GLU C 72 -24.66 -45.58 -20.34
CA GLU C 72 -24.49 -45.78 -18.91
C GLU C 72 -23.74 -47.09 -18.66
N PRO C 73 -22.98 -47.18 -17.52
CA PRO C 73 -22.17 -48.39 -17.29
C PRO C 73 -22.97 -49.52 -16.67
N MET C 74 -23.93 -50.04 -17.44
CA MET C 74 -24.78 -51.14 -16.99
C MET C 74 -25.20 -52.04 -18.15
N LEU C 87 -12.87 -59.95 -20.16
CA LEU C 87 -12.81 -59.69 -18.72
C LEU C 87 -11.52 -60.27 -18.16
N ILE C 88 -10.65 -59.41 -17.67
CA ILE C 88 -9.33 -59.81 -17.18
C ILE C 88 -9.44 -60.06 -15.68
N THR C 89 -9.12 -61.28 -15.26
CA THR C 89 -9.11 -61.65 -13.86
C THR C 89 -7.70 -61.52 -13.30
N LEU C 90 -7.57 -60.88 -12.15
CA LEU C 90 -6.31 -60.74 -11.45
C LEU C 90 -6.40 -61.38 -10.08
N ASN C 91 -5.27 -61.86 -9.56
CA ASN C 91 -5.25 -62.42 -8.22
C ASN C 91 -4.89 -61.34 -7.21
N LYS C 92 -4.91 -61.71 -5.92
CA LYS C 92 -4.61 -60.74 -4.87
C LYS C 92 -3.25 -60.11 -5.06
N GLN C 93 -2.25 -60.90 -5.50
CA GLN C 93 -0.92 -60.35 -5.72
C GLN C 93 -0.91 -59.35 -6.87
N GLN C 94 -1.76 -59.55 -7.88
CA GLN C 94 -1.75 -58.69 -9.06
C GLN C 94 -2.35 -57.32 -8.81
N ARG C 95 -3.04 -57.12 -7.69
CA ARG C 95 -3.46 -55.78 -7.32
C ARG C 95 -2.25 -54.86 -7.19
N ARG C 96 -1.17 -55.38 -6.60
CA ARG C 96 0.04 -54.58 -6.48
C ARG C 96 0.80 -54.53 -7.80
N SER C 97 0.81 -55.64 -8.54
CA SER C 97 1.71 -55.79 -9.68
C SER C 97 1.16 -55.17 -10.96
N ASP C 98 -0.09 -55.46 -11.29
CA ASP C 98 -0.61 -55.15 -12.63
C ASP C 98 -1.87 -54.31 -12.66
N LEU C 99 -2.58 -54.12 -11.53
CA LEU C 99 -3.90 -53.52 -11.58
C LEU C 99 -3.86 -52.11 -12.17
N ASP C 100 -3.04 -51.23 -11.58
CA ASP C 100 -3.00 -49.83 -12.05
C ASP C 100 -2.44 -49.74 -13.45
N ARG C 101 -1.37 -50.47 -13.74
CA ARG C 101 -0.78 -50.44 -15.08
C ARG C 101 -1.79 -50.91 -16.12
N PHE C 102 -2.45 -52.05 -15.86
CA PHE C 102 -3.47 -52.55 -16.78
C PHE C 102 -4.59 -51.53 -16.98
N TRP C 103 -5.09 -50.93 -15.90
CA TRP C 103 -6.24 -50.04 -16.02
C TRP C 103 -5.90 -48.80 -16.83
N LEU C 104 -4.70 -48.24 -16.63
CA LEU C 104 -4.35 -47.05 -17.41
C LEU C 104 -4.16 -47.39 -18.88
N GLU C 105 -3.54 -48.55 -19.18
CA GLU C 105 -3.43 -48.94 -20.57
C GLU C 105 -4.81 -49.20 -21.18
N THR C 106 -5.74 -49.75 -20.39
CA THR C 106 -7.12 -49.92 -20.87
C THR C 106 -7.76 -48.57 -21.18
N LEU C 107 -7.64 -47.61 -20.26
CA LEU C 107 -8.17 -46.27 -20.49
C LEU C 107 -7.58 -45.66 -21.76
N LEU C 108 -6.27 -45.82 -21.96
CA LEU C 108 -5.63 -45.27 -23.15
C LEU C 108 -6.03 -46.01 -24.42
N CYS C 109 -6.34 -47.31 -24.31
CA CYS C 109 -6.90 -48.04 -25.44
C CYS C 109 -8.25 -47.48 -25.87
N LEU C 110 -9.08 -47.09 -24.89
CA LEU C 110 -10.39 -46.55 -25.22
C LEU C 110 -10.27 -45.18 -25.86
N ILE C 111 -9.73 -44.20 -25.12
CA ILE C 111 -9.76 -42.81 -25.57
C ILE C 111 -8.94 -42.63 -26.82
N GLY C 112 -7.92 -43.48 -27.03
CA GLY C 112 -7.03 -43.45 -28.17
C GLY C 112 -7.47 -44.25 -29.38
N GLU C 113 -8.66 -44.85 -29.35
CA GLU C 113 -9.23 -45.50 -30.53
C GLU C 113 -8.29 -46.59 -31.06
N SER C 114 -7.70 -47.36 -30.15
CA SER C 114 -6.63 -48.29 -30.49
C SER C 114 -7.08 -49.48 -31.31
N PHE C 115 -8.39 -49.70 -31.45
CA PHE C 115 -8.91 -50.89 -32.12
C PHE C 115 -9.34 -50.60 -33.56
N ASP C 116 -8.71 -49.62 -34.20
CA ASP C 116 -8.82 -49.40 -35.64
C ASP C 116 -10.26 -49.31 -36.11
N ASP C 117 -10.59 -50.02 -37.21
CA ASP C 117 -11.93 -49.90 -37.80
C ASP C 117 -13.03 -50.64 -37.01
N TYR C 118 -12.74 -51.15 -35.82
CA TYR C 118 -13.75 -51.76 -34.96
C TYR C 118 -13.98 -50.96 -33.69
N SER C 119 -13.36 -49.78 -33.58
CA SER C 119 -13.47 -48.98 -32.36
C SER C 119 -14.91 -48.56 -32.09
N ASP C 120 -15.74 -48.49 -33.13
CA ASP C 120 -17.14 -48.14 -32.95
C ASP C 120 -17.84 -49.12 -32.02
N ASP C 121 -17.35 -50.36 -31.94
CA ASP C 121 -18.01 -51.39 -31.15
C ASP C 121 -17.70 -51.29 -29.66
N VAL C 122 -16.67 -50.54 -29.27
CA VAL C 122 -16.35 -50.39 -27.85
C VAL C 122 -17.42 -49.55 -27.17
N CYS C 123 -17.92 -50.03 -26.04
CA CYS C 123 -18.77 -49.20 -25.17
C CYS C 123 -17.96 -48.51 -24.09
N GLY C 124 -17.18 -49.26 -23.33
CA GLY C 124 -16.44 -48.68 -22.23
C GLY C 124 -15.62 -49.74 -21.52
N ALA C 125 -15.21 -49.41 -20.29
CA ALA C 125 -14.45 -50.35 -19.47
C ALA C 125 -14.77 -50.14 -17.99
N VAL C 126 -14.62 -51.20 -17.20
CA VAL C 126 -14.92 -51.19 -15.77
C VAL C 126 -13.77 -51.85 -15.03
N VAL C 127 -13.35 -51.25 -13.93
CA VAL C 127 -12.44 -51.90 -12.99
C VAL C 127 -13.20 -52.15 -11.70
N ASN C 128 -13.23 -53.41 -11.26
CA ASN C 128 -13.83 -53.81 -10.01
C ASN C 128 -12.71 -54.08 -9.01
N VAL C 129 -12.72 -53.36 -7.89
CA VAL C 129 -11.76 -53.57 -6.81
C VAL C 129 -12.46 -54.48 -5.79
N ARG C 130 -11.96 -55.70 -5.64
CA ARG C 130 -12.64 -56.70 -4.84
C ARG C 130 -11.63 -57.51 -4.02
N ALA C 131 -12.00 -57.78 -2.76
CA ALA C 131 -11.16 -58.60 -1.90
C ALA C 131 -10.92 -59.97 -2.51
N LYS C 132 -11.95 -60.56 -3.12
CA LYS C 132 -11.83 -61.88 -3.72
C LYS C 132 -11.06 -61.86 -5.04
N GLY C 133 -10.60 -60.70 -5.49
CA GLY C 133 -9.88 -60.60 -6.74
C GLY C 133 -10.43 -59.45 -7.57
N ASP C 134 -9.54 -58.65 -8.16
CA ASP C 134 -9.98 -57.51 -8.94
C ASP C 134 -10.24 -57.92 -10.39
N LYS C 135 -10.99 -57.07 -11.09
CA LYS C 135 -11.37 -57.37 -12.46
C LYS C 135 -11.21 -56.13 -13.32
N ILE C 136 -10.69 -56.32 -14.54
CA ILE C 136 -10.71 -55.30 -15.59
C ILE C 136 -11.39 -55.89 -16.81
N ALA C 137 -12.29 -55.12 -17.42
CA ALA C 137 -13.08 -55.63 -18.53
C ALA C 137 -13.34 -54.50 -19.53
N ILE C 138 -13.24 -54.82 -20.81
CA ILE C 138 -13.68 -53.92 -21.89
C ILE C 138 -15.02 -54.41 -22.40
N TRP C 139 -15.99 -53.49 -22.47
CA TRP C 139 -17.34 -53.83 -22.90
C TRP C 139 -17.48 -53.50 -24.38
N THR C 140 -17.96 -54.46 -25.15
CA THR C 140 -18.20 -54.29 -26.58
C THR C 140 -19.67 -54.49 -26.87
N ASN C 145 -21.36 -60.45 -32.57
CA ASN C 145 -20.51 -59.85 -33.59
C ASN C 145 -19.08 -60.33 -33.42
N ARG C 146 -18.81 -61.53 -33.96
CA ARG C 146 -17.56 -62.24 -33.66
C ARG C 146 -16.35 -61.52 -34.23
N ASP C 147 -16.46 -60.98 -35.45
CA ASP C 147 -15.32 -60.31 -36.07
C ASP C 147 -14.84 -59.14 -35.24
N ALA C 148 -15.77 -58.35 -34.71
CA ALA C 148 -15.40 -57.22 -33.86
C ALA C 148 -14.82 -57.69 -32.54
N VAL C 149 -15.53 -58.62 -31.87
CA VAL C 149 -15.09 -59.10 -30.56
C VAL C 149 -13.70 -59.70 -30.65
N THR C 150 -13.41 -60.44 -31.72
CA THR C 150 -12.09 -61.05 -31.88
C THR C 150 -11.00 -59.98 -31.97
N HIS C 151 -11.25 -58.91 -32.70
CA HIS C 151 -10.29 -57.83 -32.81
C HIS C 151 -10.34 -56.96 -31.55
N VAL C 155 -5.59 -57.62 -29.79
CA VAL C 155 -5.43 -56.17 -29.69
C VAL C 155 -5.29 -55.76 -28.24
N TYR C 156 -6.36 -55.95 -27.47
CA TYR C 156 -6.30 -55.70 -26.03
C TYR C 156 -5.20 -56.52 -25.38
N LYS C 157 -5.06 -57.78 -25.81
CA LYS C 157 -4.00 -58.63 -25.26
C LYS C 157 -2.63 -58.09 -25.65
N GLU C 158 -2.47 -57.64 -26.90
CA GLU C 158 -1.18 -57.14 -27.35
C GLU C 158 -0.81 -55.85 -26.65
N ARG C 159 -1.80 -54.99 -26.37
CA ARG C 159 -1.50 -53.72 -25.71
C ARG C 159 -1.18 -53.92 -24.24
N LEU C 160 -1.82 -54.91 -23.60
CA LEU C 160 -1.54 -55.18 -22.19
C LEU C 160 -0.20 -55.87 -21.99
N GLY C 161 0.28 -56.60 -23.00
CA GLY C 161 1.49 -57.38 -22.85
C GLY C 161 1.30 -58.69 -22.11
N LEU C 162 0.09 -59.24 -22.11
CA LEU C 162 -0.15 -60.52 -21.47
C LEU C 162 0.47 -61.65 -22.28
N PRO C 163 1.01 -62.68 -21.64
CA PRO C 163 1.57 -63.80 -22.37
C PRO C 163 0.54 -64.89 -22.59
N PRO C 164 0.55 -65.56 -23.75
CA PRO C 164 -0.36 -66.65 -24.12
C PRO C 164 -0.46 -67.74 -23.06
N HIS D 6 9.84 17.90 30.89
CA HIS D 6 10.66 17.55 29.75
C HIS D 6 9.99 17.95 28.42
N TYR D 7 8.67 17.86 28.38
CA TYR D 7 7.93 18.18 27.17
C TYR D 7 7.59 19.66 27.03
N ILE D 8 7.92 20.49 28.02
CA ILE D 8 7.64 21.93 27.98
C ILE D 8 8.81 22.65 27.36
N LYS D 9 8.54 23.56 26.42
CA LYS D 9 9.61 24.40 25.90
C LYS D 9 10.03 25.40 26.98
N HIS D 10 11.30 25.78 26.96
CA HIS D 10 11.73 26.71 28.01
C HIS D 10 11.37 28.15 27.67
N PRO D 11 10.48 28.78 28.41
CA PRO D 11 10.02 30.11 28.01
C PRO D 11 11.06 31.18 28.29
N LEU D 12 11.09 32.18 27.42
CA LEU D 12 11.87 33.39 27.62
C LEU D 12 11.03 34.42 28.38
N GLN D 13 11.73 35.34 29.04
CA GLN D 13 11.04 36.40 29.75
C GLN D 13 10.29 37.33 28.78
N ASN D 14 10.84 37.54 27.58
CA ASN D 14 10.21 38.39 26.58
C ASN D 14 9.97 37.60 25.29
N ARG D 15 9.01 38.07 24.50
CA ARG D 15 8.89 37.66 23.11
C ARG D 15 9.73 38.59 22.24
N TRP D 16 10.49 38.02 21.32
CA TRP D 16 11.43 38.76 20.49
C TRP D 16 11.06 38.64 19.03
N ALA D 17 11.43 39.65 18.24
CA ALA D 17 11.16 39.68 16.82
C ALA D 17 12.47 39.91 16.06
N LEU D 18 12.80 39.00 15.15
CA LEU D 18 13.95 39.15 14.28
C LEU D 18 13.52 39.88 13.02
N TRP D 19 14.28 40.91 12.65
CA TRP D 19 14.02 41.71 11.48
C TRP D 19 15.20 41.62 10.51
N PHE D 20 14.93 41.88 9.25
CA PHE D 20 15.96 41.87 8.21
C PHE D 20 15.76 43.07 7.31
N PHE D 21 16.87 43.59 6.80
CA PHE D 21 16.88 44.73 5.90
C PHE D 21 17.82 44.40 4.75
N LYS D 22 17.34 44.58 3.53
CA LYS D 22 18.17 44.47 2.34
C LYS D 22 18.36 45.86 1.75
N ASN D 23 19.61 46.23 1.47
CA ASN D 23 19.89 47.51 0.83
C ASN D 23 19.28 47.50 -0.56
N ASP D 24 18.25 48.32 -0.78
CA ASP D 24 17.57 48.41 -2.06
C ASP D 24 17.36 49.88 -2.37
N LYS D 25 18.13 50.41 -3.31
CA LYS D 25 18.08 51.83 -3.63
C LYS D 25 16.75 52.24 -4.23
N SER D 26 16.01 51.31 -4.84
CA SER D 26 14.75 51.62 -5.48
C SER D 26 13.60 51.85 -4.50
N LYS D 27 13.86 51.75 -3.20
CA LYS D 27 12.82 51.87 -2.19
C LYS D 27 13.34 52.70 -1.02
N THR D 28 12.40 53.18 -0.19
CA THR D 28 12.75 53.87 1.04
C THR D 28 13.31 52.88 2.06
N TRP D 29 14.03 53.42 3.04
CA TRP D 29 14.62 52.59 4.08
C TRP D 29 13.55 51.85 4.88
N GLN D 30 12.44 52.53 5.20
CA GLN D 30 11.38 51.91 5.98
C GLN D 30 10.71 50.76 5.22
N ALA D 31 10.64 50.85 3.90
CA ALA D 31 10.06 49.77 3.11
C ALA D 31 10.98 48.57 2.99
N ASN D 32 12.30 48.79 3.06
CA ASN D 32 13.26 47.69 2.98
C ASN D 32 13.35 46.88 4.26
N LEU D 33 12.70 47.33 5.33
CA LEU D 33 12.78 46.68 6.63
C LEU D 33 11.63 45.70 6.76
N ARG D 34 11.95 44.44 7.06
CA ARG D 34 10.99 43.35 6.97
C ARG D 34 11.02 42.48 8.21
N LEU D 35 9.84 42.17 8.74
CA LEU D 35 9.73 41.24 9.86
C LEU D 35 9.98 39.82 9.39
N ILE D 36 10.91 39.12 10.05
CA ILE D 36 11.14 37.71 9.74
C ILE D 36 10.13 36.87 10.52
N SER D 37 10.34 36.73 11.83
CA SER D 37 9.43 35.96 12.67
C SER D 37 9.69 36.31 14.13
N LYS D 38 8.85 35.79 15.01
CA LYS D 38 8.94 36.03 16.44
C LYS D 38 9.08 34.71 17.20
N PHE D 39 9.58 34.79 18.42
CA PHE D 39 9.78 33.61 19.25
C PHE D 39 9.77 34.03 20.72
N ASP D 40 9.40 33.09 21.58
CA ASP D 40 9.44 33.39 23.01
C ASP D 40 9.86 32.19 23.85
N THR D 41 10.60 31.25 23.25
CA THR D 41 11.19 30.12 23.97
C THR D 41 12.62 29.92 23.48
N VAL D 42 13.41 29.20 24.30
CA VAL D 42 14.78 28.84 23.92
C VAL D 42 14.77 28.01 22.66
N GLU D 43 13.94 26.96 22.64
CA GLU D 43 13.91 26.04 21.51
C GLU D 43 13.52 26.76 20.22
N ASP D 44 12.58 27.71 20.31
CA ASP D 44 12.20 28.44 19.11
C ASP D 44 13.26 29.44 18.68
N PHE D 45 14.01 30.02 19.61
CA PHE D 45 15.15 30.83 19.23
C PHE D 45 16.13 30.01 18.39
N TRP D 46 16.52 28.84 18.88
CA TRP D 46 17.53 28.06 18.15
C TRP D 46 17.02 27.59 16.79
N ALA D 47 15.74 27.23 16.70
CA ALA D 47 15.17 26.82 15.42
C ALA D 47 15.29 27.96 14.40
N LEU D 48 15.12 29.20 14.85
CA LEU D 48 15.27 30.35 13.97
C LEU D 48 16.74 30.58 13.62
N TYR D 49 17.58 30.75 14.64
CA TYR D 49 19.00 30.97 14.41
C TYR D 49 19.61 29.91 13.51
N ASN D 50 19.18 28.65 13.68
CA ASN D 50 19.88 27.57 12.97
C ASN D 50 19.53 27.50 11.50
N HIS D 51 18.46 28.15 11.04
CA HIS D 51 18.13 28.04 9.62
C HIS D 51 18.43 29.31 8.84
N ILE D 52 18.91 30.38 9.49
CA ILE D 52 19.19 31.62 8.77
C ILE D 52 20.69 31.80 8.60
N GLN D 53 21.06 32.66 7.65
CA GLN D 53 22.47 32.87 7.33
C GLN D 53 23.23 33.50 8.50
N LEU D 54 24.50 33.13 8.62
CA LEU D 54 25.38 33.89 9.50
C LEU D 54 25.53 35.32 8.97
N SER D 55 25.67 36.25 9.91
CA SER D 55 25.85 37.66 9.54
C SER D 55 27.01 37.82 8.57
N SER D 56 28.09 37.09 8.80
CA SER D 56 29.28 37.19 7.95
C SER D 56 29.04 36.73 6.52
N ASN D 57 27.92 36.06 6.25
CA ASN D 57 27.54 35.59 4.93
C ASN D 57 26.46 36.43 4.26
N LEU D 58 26.00 37.50 4.91
CA LEU D 58 25.00 38.36 4.29
C LEU D 58 25.63 39.30 3.26
N MET D 59 24.80 39.79 2.36
CA MET D 59 25.24 40.78 1.39
C MET D 59 25.60 42.09 2.09
N PRO D 60 26.59 42.82 1.57
CA PRO D 60 26.83 44.18 2.05
C PRO D 60 25.57 45.02 1.96
N GLY D 61 25.36 45.85 2.98
CA GLY D 61 24.18 46.68 3.04
C GLY D 61 22.99 46.05 3.73
N CYS D 62 23.15 44.88 4.34
CA CYS D 62 22.08 44.17 5.01
C CYS D 62 22.24 44.24 6.52
N ASP D 63 21.11 44.20 7.24
CA ASP D 63 21.10 44.17 8.70
C ASP D 63 20.27 42.99 9.20
N TYR D 64 20.64 42.51 10.39
CA TYR D 64 19.73 41.79 11.28
C TYR D 64 19.43 42.67 12.49
N SER D 65 18.16 42.68 12.93
CA SER D 65 17.77 43.32 14.17
C SER D 65 16.92 42.38 15.00
N LEU D 66 17.26 42.20 16.27
CA LEU D 66 16.43 41.47 17.23
C LEU D 66 15.90 42.44 18.26
N PHE D 67 14.59 42.68 18.24
CA PHE D 67 13.95 43.64 19.14
C PHE D 67 12.77 43.00 19.86
N LYS D 68 12.58 43.41 21.11
CA LYS D 68 11.41 42.99 21.87
C LYS D 68 10.13 43.24 21.09
N ASP D 69 9.22 42.27 21.18
CA ASP D 69 7.93 42.37 20.51
C ASP D 69 7.29 43.71 20.84
N GLY D 70 6.87 44.42 19.79
CA GLY D 70 6.23 45.71 19.94
C GLY D 70 7.13 46.90 19.69
N ILE D 71 8.45 46.70 19.64
CA ILE D 71 9.41 47.77 19.37
C ILE D 71 9.96 47.57 17.97
N GLU D 72 9.70 48.52 17.09
CA GLU D 72 10.27 48.41 15.76
C GLU D 72 11.74 48.84 15.79
N PRO D 73 12.57 48.32 14.85
CA PRO D 73 14.01 48.59 14.89
C PRO D 73 14.41 49.87 14.15
N MET D 74 13.75 50.98 14.51
CA MET D 74 14.07 52.29 13.94
C MET D 74 14.05 53.32 15.06
N TRP D 75 14.76 54.44 14.82
CA TRP D 75 14.90 55.47 15.84
C TRP D 75 13.55 56.08 16.22
N GLU D 76 12.60 56.09 15.30
CA GLU D 76 11.33 56.80 15.49
C GLU D 76 10.35 56.07 16.40
N ASP D 77 10.60 54.80 16.70
CA ASP D 77 9.73 54.07 17.62
C ASP D 77 9.72 54.77 18.98
N GLU D 78 8.54 54.80 19.62
CA GLU D 78 8.40 55.51 20.89
C GLU D 78 9.42 55.05 21.91
N LYS D 79 9.80 53.76 21.89
CA LYS D 79 10.79 53.23 22.83
C LYS D 79 12.22 53.50 22.40
N ASN D 80 12.45 53.97 21.17
CA ASN D 80 13.79 54.26 20.69
C ASN D 80 14.07 55.75 20.56
N LYS D 81 13.04 56.60 20.67
CA LYS D 81 13.22 58.04 20.44
C LYS D 81 14.15 58.66 21.48
N ARG D 82 14.07 58.21 22.73
CA ARG D 82 14.82 58.82 23.81
C ARG D 82 16.02 58.00 24.25
N GLY D 83 16.42 57.00 23.47
CA GLY D 83 17.50 56.12 23.83
C GLY D 83 18.74 56.30 22.97
N GLY D 84 19.59 55.30 22.99
CA GLY D 84 20.83 55.31 22.24
C GLY D 84 21.25 53.91 21.91
N ARG D 85 22.57 53.70 21.83
CA ARG D 85 23.11 52.38 21.53
C ARG D 85 24.55 52.29 22.02
N TRP D 86 24.89 51.15 22.62
CA TRP D 86 26.28 50.80 22.85
C TRP D 86 26.79 50.11 21.60
N LEU D 87 27.80 50.68 20.95
CA LEU D 87 28.13 50.35 19.56
C LEU D 87 29.49 49.69 19.46
N ILE D 88 29.53 48.51 18.83
CA ILE D 88 30.75 47.78 18.54
C ILE D 88 31.11 48.03 17.08
N THR D 89 32.27 48.62 16.84
CA THR D 89 32.75 48.85 15.48
C THR D 89 33.75 47.76 15.11
N LEU D 90 33.56 47.18 13.93
CA LEU D 90 34.40 46.10 13.44
C LEU D 90 35.19 46.56 12.23
N ASN D 91 36.45 46.12 12.14
CA ASN D 91 37.24 46.33 10.94
C ASN D 91 37.03 45.15 10.01
N LYS D 92 37.65 45.22 8.82
CA LYS D 92 37.46 44.18 7.83
C LYS D 92 37.91 42.82 8.34
N GLN D 93 38.99 42.79 9.12
CA GLN D 93 39.55 41.52 9.58
C GLN D 93 38.70 40.88 10.69
N GLN D 94 37.87 41.65 11.38
CA GLN D 94 37.00 41.11 12.41
C GLN D 94 35.73 40.50 11.87
N ARG D 95 35.38 40.77 10.62
CA ARG D 95 34.27 40.05 10.00
C ARG D 95 34.49 38.54 10.05
N ARG D 96 35.71 38.11 9.82
CA ARG D 96 36.00 36.68 9.86
C ARG D 96 36.18 36.21 11.29
N SER D 97 36.83 37.02 12.12
CA SER D 97 37.27 36.60 13.45
C SER D 97 36.19 36.74 14.52
N ASP D 98 35.39 37.82 14.47
CA ASP D 98 34.54 38.17 15.60
C ASP D 98 33.07 38.41 15.28
N LEU D 99 32.70 38.74 14.03
CA LEU D 99 31.34 39.20 13.76
C LEU D 99 30.30 38.21 14.25
N ASP D 100 30.37 36.96 13.79
CA ASP D 100 29.34 35.98 14.13
C ASP D 100 29.36 35.64 15.62
N ARG D 101 30.54 35.44 16.19
CA ARG D 101 30.64 35.10 17.60
C ARG D 101 30.09 36.22 18.47
N PHE D 102 30.47 37.46 18.18
CA PHE D 102 29.94 38.60 18.92
C PHE D 102 28.44 38.71 18.76
N TRP D 103 27.92 38.49 17.55
CA TRP D 103 26.48 38.68 17.32
C TRP D 103 25.67 37.62 18.05
N LEU D 104 26.14 36.37 18.08
CA LEU D 104 25.39 35.36 18.79
C LEU D 104 25.38 35.63 20.29
N GLU D 105 26.53 36.01 20.87
CA GLU D 105 26.55 36.30 22.30
C GLU D 105 25.67 37.52 22.62
N THR D 106 25.60 38.50 21.71
CA THR D 106 24.66 39.60 21.87
C THR D 106 23.23 39.08 21.92
N LEU D 107 22.87 38.20 21.00
CA LEU D 107 21.51 37.63 21.01
C LEU D 107 21.22 36.93 22.33
N LEU D 108 22.19 36.16 22.84
CA LEU D 108 22.02 35.45 24.09
C LEU D 108 21.95 36.41 25.29
N CYS D 109 22.72 37.50 25.26
CA CYS D 109 22.57 38.52 26.29
C CYS D 109 21.15 39.08 26.32
N LEU D 110 20.54 39.25 25.14
CA LEU D 110 19.20 39.82 25.08
C LEU D 110 18.16 38.82 25.58
N ILE D 111 18.08 37.66 24.93
CA ILE D 111 17.00 36.73 25.27
C ILE D 111 17.20 36.15 26.66
N GLY D 112 18.44 36.15 27.15
CA GLY D 112 18.79 35.66 28.47
C GLY D 112 18.65 36.66 29.60
N GLU D 113 18.26 37.90 29.31
CA GLU D 113 18.03 38.92 30.35
C GLU D 113 19.29 39.08 31.21
N SER D 114 20.43 39.19 30.54
CA SER D 114 21.72 39.07 31.21
C SER D 114 22.12 40.32 31.98
N PHE D 115 21.30 41.36 31.98
CA PHE D 115 21.67 42.65 32.55
C PHE D 115 20.89 42.97 33.82
N ASP D 116 20.54 41.94 34.59
CA ASP D 116 20.05 42.09 35.97
C ASP D 116 18.78 42.94 35.95
N ASP D 117 18.61 43.86 36.91
CA ASP D 117 17.41 44.67 37.00
C ASP D 117 17.34 45.74 35.93
N TYR D 118 18.41 45.96 35.17
CA TYR D 118 18.40 46.93 34.09
C TYR D 118 17.99 46.31 32.75
N SER D 119 17.71 44.99 32.73
CA SER D 119 17.30 44.35 31.49
C SER D 119 16.04 44.96 30.92
N ASP D 120 15.19 45.56 31.76
CA ASP D 120 13.98 46.20 31.27
C ASP D 120 14.27 47.39 30.35
N ASP D 121 15.47 47.98 30.46
CA ASP D 121 15.83 49.10 29.60
C ASP D 121 16.31 48.67 28.21
N VAL D 122 16.64 47.40 28.02
CA VAL D 122 17.07 46.93 26.70
C VAL D 122 15.88 46.94 25.75
N CYS D 123 16.08 47.48 24.55
CA CYS D 123 15.15 47.43 23.45
C CYS D 123 15.44 46.28 22.49
N GLY D 124 16.70 46.18 22.05
CA GLY D 124 17.08 45.14 21.10
C GLY D 124 18.51 45.39 20.64
N ALA D 125 18.89 44.66 19.57
CA ALA D 125 20.23 44.74 19.03
C ALA D 125 20.18 44.76 17.50
N VAL D 126 21.22 45.33 16.90
CA VAL D 126 21.34 45.45 15.45
C VAL D 126 22.73 45.04 15.05
N VAL D 127 22.84 44.30 13.97
CA VAL D 127 24.13 44.06 13.31
C VAL D 127 24.04 44.58 11.89
N ASN D 128 24.96 45.48 11.54
CA ASN D 128 25.09 46.04 10.21
C ASN D 128 26.27 45.39 9.51
N VAL D 129 26.04 44.86 8.31
CA VAL D 129 27.08 44.28 7.47
C VAL D 129 27.36 45.26 6.34
N ARG D 130 28.56 45.84 6.31
CA ARG D 130 28.93 46.77 5.26
C ARG D 130 30.41 46.60 4.89
N ALA D 131 30.70 46.84 3.62
CA ALA D 131 32.07 46.67 3.13
C ALA D 131 33.05 47.56 3.85
N LYS D 132 32.61 48.71 4.35
CA LYS D 132 33.52 49.61 5.05
C LYS D 132 33.78 49.20 6.50
N GLY D 133 33.09 48.18 6.99
CA GLY D 133 33.25 47.75 8.37
C GLY D 133 31.92 47.49 9.04
N ASP D 134 31.81 46.35 9.73
CA ASP D 134 30.54 45.97 10.33
C ASP D 134 30.37 46.61 11.70
N LYS D 135 29.13 46.75 12.13
CA LYS D 135 28.84 47.24 13.47
C LYS D 135 27.86 46.30 14.16
N ILE D 136 28.00 46.19 15.47
CA ILE D 136 27.01 45.55 16.34
C ILE D 136 26.65 46.56 17.43
N ALA D 137 25.34 46.71 17.70
CA ALA D 137 24.89 47.67 18.71
C ALA D 137 23.78 47.05 19.54
N ILE D 138 23.81 47.32 20.85
CA ILE D 138 22.67 47.07 21.72
C ILE D 138 21.97 48.40 21.98
N TRP D 139 20.66 48.43 21.75
CA TRP D 139 19.85 49.63 21.90
C TRP D 139 19.15 49.60 23.25
N THR D 140 19.15 50.74 23.95
CA THR D 140 18.40 50.88 25.19
C THR D 140 17.44 52.06 25.05
N THR D 141 16.54 52.18 26.02
CA THR D 141 15.35 53.00 25.83
C THR D 141 15.52 54.45 26.27
N GLU D 142 16.41 54.73 27.23
CA GLU D 142 16.55 56.08 27.78
C GLU D 142 18.04 56.40 27.91
N CYS D 143 18.55 57.27 27.04
CA CYS D 143 19.95 57.64 27.06
C CYS D 143 20.34 58.42 28.31
N GLU D 144 19.35 58.90 29.07
CA GLU D 144 19.59 59.63 30.31
C GLU D 144 19.34 58.80 31.55
N ASN D 145 19.12 57.48 31.41
CA ASN D 145 19.12 56.58 32.56
C ASN D 145 20.55 56.05 32.72
N ARG D 146 21.40 56.94 33.28
CA ARG D 146 22.84 56.71 33.28
C ARG D 146 23.21 55.39 33.94
N ASP D 147 22.53 55.04 35.04
CA ASP D 147 22.85 53.81 35.74
C ASP D 147 22.61 52.59 34.87
N ALA D 148 21.43 52.53 34.25
CA ALA D 148 21.10 51.40 33.37
C ALA D 148 22.05 51.32 32.17
N VAL D 149 22.27 52.46 31.51
CA VAL D 149 23.14 52.48 30.33
C VAL D 149 24.56 52.07 30.71
N THR D 150 25.04 52.52 31.87
CA THR D 150 26.37 52.10 32.33
C THR D 150 26.40 50.60 32.61
N HIS D 151 25.38 50.10 33.31
CA HIS D 151 25.33 48.69 33.65
C HIS D 151 25.13 47.81 32.44
N ARG D 154 28.46 47.81 30.35
CA ARG D 154 29.61 47.29 31.07
C ARG D 154 29.58 45.78 31.12
N VAL D 155 28.44 45.24 31.57
CA VAL D 155 28.24 43.78 31.57
C VAL D 155 28.34 43.24 30.16
N TYR D 156 27.97 44.04 29.17
CA TYR D 156 28.14 43.66 27.77
C TYR D 156 29.60 43.41 27.44
N LYS D 157 30.48 44.30 27.87
CA LYS D 157 31.91 44.16 27.58
C LYS D 157 32.47 42.90 28.23
N GLU D 158 32.03 42.58 29.45
CA GLU D 158 32.45 41.34 30.09
C GLU D 158 31.98 40.12 29.31
N ARG D 159 30.74 40.16 28.82
CA ARG D 159 30.19 39.02 28.11
C ARG D 159 30.86 38.81 26.75
N LEU D 160 31.24 39.90 26.08
CA LEU D 160 31.96 39.80 24.81
C LEU D 160 33.42 39.44 24.98
N GLY D 161 33.95 39.49 26.20
CA GLY D 161 35.34 39.14 26.42
C GLY D 161 36.34 40.14 25.87
N LEU D 162 36.03 41.44 25.93
CA LEU D 162 36.95 42.46 25.49
C LEU D 162 37.85 42.90 26.64
N PRO D 163 39.12 43.26 26.35
CA PRO D 163 40.03 43.76 27.38
C PRO D 163 39.74 45.21 27.77
C1 GOL E . 4.77 5.20 5.89
O1 GOL E . 5.07 4.05 6.64
C2 GOL E . 6.03 6.05 5.76
O2 GOL E . 7.12 5.26 5.35
C3 GOL E . 5.79 7.13 4.71
O3 GOL E . 6.88 8.02 4.75
C2 7LO F . 0.23 -1.95 27.79
C5 7LO F . 0.99 -0.57 25.60
C6 7LO F . -0.36 -0.56 25.96
O6 7LO F . -1.34 0.08 25.26
C8 7LO F . 2.94 -0.29 24.74
O5P 7LO F . 11.05 0.35 22.82
PA 7LO F . 10.52 -0.29 21.43
OA2 7LO F . 10.89 -1.75 21.34
OA1 7LO F . 11.09 0.48 20.26
OAB 7LO F . 8.93 -0.16 21.43
PB 7LO F . 8.04 -0.19 20.09
OB 7LO F . 8.45 -1.31 19.21
SEB 7LO F . 8.10 1.49 19.16
OBC 7LO F . 6.55 -0.41 20.60
PC 7LO F . 6.03 0.32 21.95
OC1 7LO F . 7.03 1.25 22.57
OC2 7LO F . 4.72 0.99 21.61
O5' 7LO F . 5.78 -0.82 23.06
C5' 7LO F . 6.86 -1.15 23.93
C4' 7LO F . 6.28 -1.89 25.12
O4' 7LO F . 5.49 -1.01 25.91
C3' 7LO F . 5.32 -3.00 24.71
O3' 7LO F . 6.01 -4.24 24.51
C2' 7LO F . 4.39 -3.11 25.88
O2' 7LO F . 5.00 -3.95 26.86
CM2 7LO F . 4.13 -4.23 27.95
C1' 7LO F . 4.31 -1.68 26.37
N9 7LO F . 3.08 -1.08 25.81
N7 7LO F . 1.64 0.04 24.60
CBG 7LO F . 1.10 0.89 23.51
C4 7LO F . 1.90 -1.25 26.36
N3 7LO F . 1.53 -1.95 27.46
N2 7LO F . -0.17 -2.67 28.88
N1 7LO F . -0.69 -1.29 27.07
C1 GOL G . -0.93 -12.30 -5.08
O1 GOL G . -1.09 -13.64 -5.49
C2 GOL G . 0.06 -11.66 -6.02
O2 GOL G . 1.34 -11.64 -5.45
C3 GOL G . -0.37 -10.26 -6.39
O3 GOL G . 0.70 -9.67 -7.11
CL CL H . -9.37 -7.29 -1.12
C2 7LO I . 6.17 -3.84 -28.22
C5 7LO I . 5.29 -5.16 -26.04
C6 7LO I . 4.41 -4.29 -26.70
O6 7LO I . 3.15 -4.00 -26.32
C8 7LO I . 6.26 -6.62 -24.78
O5P 7LO I . 10.71 -12.75 -21.75
PA 7LO I . 10.62 -11.92 -20.37
OA2 7LO I . 11.58 -10.75 -20.37
OA1 7LO I . 10.90 -12.85 -19.21
OAB 7LO I . 9.12 -11.38 -20.26
PB 7LO I . 8.64 -10.25 -19.22
OB 7LO I . 9.71 -9.84 -18.29
SEB 7LO I . 7.11 -10.99 -18.29
OBC 7LO I . 8.18 -8.98 -20.08
PC 7LO I . 7.42 -9.11 -21.50
OC1 7LO I . 7.49 -10.49 -22.10
OC2 7LO I . 6.00 -8.63 -21.33
O5' 7LO I . 8.19 -8.12 -22.52
C5' 7LO I . 9.45 -8.56 -23.03
C4' 7LO I . 9.77 -7.72 -24.25
O4' 7LO I . 8.78 -7.94 -25.26
C3' 7LO I . 9.73 -6.23 -23.96
O3' 7LO I . 10.99 -5.75 -23.48
C2' 7LO I . 9.45 -5.65 -25.32
O2' 7LO I . 10.68 -5.52 -26.03
CM2 7LO I . 10.52 -5.09 -27.38
C1' 7LO I . 8.54 -6.71 -25.94
N9 7LO I . 7.14 -6.26 -25.74
N7 7LO I . 5.11 -5.97 -24.96
CBG 7LO I . 3.93 -6.12 -24.08
C4 7LO I . 6.56 -5.37 -26.52
N3 7LO I . 7.00 -4.71 -27.61
N2 7LO I . 6.61 -3.16 -29.31
N1 7LO I . 4.91 -3.63 -27.77
C2 7LO J . -27.64 -53.47 -11.93
C5 7LO J . -25.23 -54.58 -12.42
C6 7LO J . -25.90 -53.94 -13.45
O6 7LO J . -25.40 -53.85 -14.72
C8 7LO J . -23.85 -55.65 -11.15
O5P 7LO J . -20.20 -58.20 -4.60
PA 7LO J . -19.52 -59.24 -5.63
OA2 7LO J . -20.38 -60.48 -5.71
OA1 7LO J . -18.14 -59.58 -5.15
OAB 7LO J . -19.42 -58.54 -7.08
PB 7LO J . -19.07 -59.33 -8.44
OB 7LO J . -19.39 -60.77 -8.31
SEB 7LO J . -17.22 -59.09 -8.90
OBC 7LO J . -19.95 -58.70 -9.62
PC 7LO J . -20.20 -57.11 -9.66
OC1 7LO J . -19.25 -56.40 -8.72
OC2 7LO J . -20.02 -56.61 -11.07
O5' 7LO J . -21.72 -56.83 -9.18
C5' 7LO J . -22.19 -57.40 -7.96
C4' 7LO J . -23.66 -57.02 -7.77
O4' 7LO J . -23.88 -55.69 -8.25
C3' 7LO J . -24.61 -57.91 -8.55
O3' 7LO J . -25.06 -59.01 -7.74
C2' 7LO J . -25.76 -56.99 -8.86
O2' 7LO J . -26.70 -57.02 -7.79
CM2 7LO J . -27.79 -56.12 -8.00
C1' 7LO J . -25.12 -55.62 -8.96
N9 7LO J . -24.92 -55.31 -10.39
N7 7LO J . -24.04 -55.20 -12.41
CBG 7LO J . -23.08 -55.40 -13.53
C4 7LO J . -25.78 -54.65 -11.15
N3 7LO J . -26.98 -54.09 -10.92
N2 7LO J . -28.85 -52.90 -11.69
N1 7LO J . -27.10 -53.39 -13.18
#